data_5N1J
#
_entry.id   5N1J
#
_cell.length_a   50.280
_cell.length_b   117.668
_cell.length_c   99.768
_cell.angle_alpha   90.00
_cell.angle_beta   102.75
_cell.angle_gamma   90.00
#
_symmetry.space_group_name_H-M   'P 1 21 1'
#
loop_
_entity.id
_entity.type
_entity.pdbx_description
1 polymer 'Peptidoglycan N-acetylglucosamine deacetylase'
2 non-polymer 'ZINC ION'
3 non-polymer 'ACETATE ION'
4 non-polymer 1,2-ETHANEDIOL
5 water water
#
_entity_poly.entity_id   1
_entity_poly.type   'polypeptide(L)'
_entity_poly.pdbx_seq_one_letter_code
;RKVAYLTFDDGPGKYTAELLNTLKQHDAKATFFLIGANVKEFPDLVKRENAEGHYVGMHSMTHNFAKLYKNGEYVNEMKE
DQGLIANIIGKSPKLTRPPYGSMPGLNEGLRNKVVEGGFKVWDWTIDSLDWRYNKMPVDAAAAQIAQNVLTNATKPQEVI
LMHDIHPQSVAAVPAILKGLKEKGYEFEAYHEESHFPVNFWHDNRM
;
_entity_poly.pdbx_strand_id   A,B,C,D
#
loop_
_chem_comp.id
_chem_comp.type
_chem_comp.name
_chem_comp.formula
ACT non-polymer 'ACETATE ION' 'C2 H3 O2 -1'
EDO non-polymer 1,2-ETHANEDIOL 'C2 H6 O2'
ZN non-polymer 'ZINC ION' 'Zn 2'
#
# COMPACT_ATOMS: atom_id res chain seq x y z
N ARG A 1 30.05 -21.31 14.51
CA ARG A 1 29.78 -22.02 13.28
C ARG A 1 30.13 -21.15 12.07
N LYS A 2 29.22 -20.26 11.68
CA LYS A 2 29.43 -19.31 10.58
C LYS A 2 29.70 -19.95 9.21
N VAL A 3 28.77 -19.77 8.28
CA VAL A 3 28.96 -20.27 6.92
C VAL A 3 28.81 -19.18 5.88
N ALA A 4 29.77 -19.13 4.96
CA ALA A 4 29.69 -18.23 3.81
C ALA A 4 29.36 -19.03 2.56
N TYR A 5 28.30 -18.63 1.87
CA TYR A 5 27.92 -19.28 0.62
C TYR A 5 28.26 -18.34 -0.51
N LEU A 6 29.42 -18.56 -1.12
CA LEU A 6 29.78 -17.85 -2.33
C LEU A 6 28.88 -18.34 -3.45
N THR A 7 28.23 -17.43 -4.15
CA THR A 7 27.41 -17.82 -5.28
C THR A 7 27.81 -17.03 -6.52
N PHE A 8 27.89 -17.73 -7.64
CA PHE A 8 28.38 -17.17 -8.89
C PHE A 8 27.33 -17.29 -9.98
N ASP A 9 26.90 -16.14 -10.51
CA ASP A 9 25.82 -16.04 -11.48
C ASP A 9 26.33 -15.82 -12.91
N ASP A 10 25.53 -16.28 -13.87
CA ASP A 10 25.57 -15.88 -15.28
C ASP A 10 26.52 -16.72 -16.14
N GLY A 11 27.12 -17.74 -15.54
CA GLY A 11 28.09 -18.55 -16.27
C GLY A 11 27.52 -19.84 -16.82
N PRO A 12 28.41 -20.79 -17.18
CA PRO A 12 29.88 -20.63 -17.11
C PRO A 12 30.45 -19.68 -18.15
N GLY A 13 31.75 -19.40 -18.01
CA GLY A 13 32.43 -18.56 -18.97
C GLY A 13 33.92 -18.79 -18.93
N LYS A 14 34.65 -17.86 -19.55
CA LYS A 14 36.07 -18.04 -19.84
C LYS A 14 36.98 -17.82 -18.63
N TYR A 15 36.41 -17.43 -17.48
CA TYR A 15 37.21 -17.28 -16.28
C TYR A 15 36.85 -18.35 -15.24
N THR A 16 35.94 -19.24 -15.61
CA THR A 16 35.37 -20.16 -14.62
C THR A 16 36.38 -21.24 -14.23
N ALA A 17 37.20 -21.68 -15.20
CA ALA A 17 38.19 -22.72 -14.89
C ALA A 17 39.19 -22.20 -13.87
N GLU A 18 39.60 -20.94 -14.04
CA GLU A 18 40.50 -20.30 -13.09
C GLU A 18 39.87 -20.22 -11.70
N LEU A 19 38.59 -19.83 -11.66
CA LEU A 19 37.89 -19.71 -10.40
C LEU A 19 37.80 -21.07 -9.69
N LEU A 20 37.48 -22.11 -10.44
CA LEU A 20 37.48 -23.47 -9.90
C LEU A 20 38.87 -23.89 -9.37
N ASN A 21 39.93 -23.51 -10.07
CA ASN A 21 41.28 -23.80 -9.56
C ASN A 21 41.51 -23.11 -8.22
N THR A 22 41.10 -21.84 -8.14
CA THR A 22 41.24 -21.07 -6.91
C THR A 22 40.46 -21.70 -5.75
N LEU A 23 39.21 -22.07 -6.01
CA LEU A 23 38.38 -22.67 -4.98
C LEU A 23 38.98 -23.97 -4.47
N LYS A 24 39.45 -24.80 -5.40
CA LYS A 24 40.07 -26.07 -5.05
C LYS A 24 41.35 -25.83 -4.24
N GLN A 25 42.13 -24.85 -4.66
CA GLN A 25 43.37 -24.47 -3.99
C GLN A 25 43.13 -24.12 -2.52
N HIS A 26 42.02 -23.45 -2.25
CA HIS A 26 41.66 -23.03 -0.89
C HIS A 26 40.72 -23.98 -0.16
N ASP A 27 40.43 -25.13 -0.77
CA ASP A 27 39.50 -26.10 -0.19
C ASP A 27 38.12 -25.48 0.08
N ALA A 28 37.70 -24.59 -0.81
CA ALA A 28 36.41 -23.92 -0.69
C ALA A 28 35.38 -24.55 -1.62
N LYS A 29 34.14 -24.64 -1.14
CA LYS A 29 33.04 -25.13 -1.95
C LYS A 29 32.06 -23.99 -2.19
N ALA A 30 31.52 -23.90 -3.41
CA ALA A 30 30.62 -22.80 -3.75
C ALA A 30 29.35 -23.24 -4.49
N THR A 31 28.59 -22.25 -4.92
CA THR A 31 27.33 -22.47 -5.63
C THR A 31 27.33 -21.68 -6.94
N PHE A 32 26.92 -22.35 -8.02
CA PHE A 32 26.91 -21.74 -9.34
C PHE A 32 25.52 -21.74 -9.92
N PHE A 33 25.07 -20.59 -10.41
CA PHE A 33 23.77 -20.47 -11.03
C PHE A 33 23.94 -20.18 -12.52
N LEU A 34 23.57 -21.14 -13.36
CA LEU A 34 23.97 -21.12 -14.76
C LEU A 34 22.87 -20.69 -15.71
N ILE A 35 23.26 -20.00 -16.77
CA ILE A 35 22.33 -19.63 -17.84
C ILE A 35 22.36 -20.72 -18.90
N GLY A 36 21.17 -21.15 -19.32
CA GLY A 36 21.02 -22.23 -20.30
C GLY A 36 21.96 -22.19 -21.48
N ALA A 37 22.09 -21.02 -22.12
CA ALA A 37 22.91 -20.89 -23.32
C ALA A 37 24.38 -21.19 -22.99
N ASN A 38 24.80 -20.89 -21.77
CA ASN A 38 26.19 -21.17 -21.42
C ASN A 38 26.41 -22.61 -20.96
N VAL A 39 25.34 -23.24 -20.48
CA VAL A 39 25.39 -24.67 -20.20
C VAL A 39 25.67 -25.40 -21.53
N LYS A 40 24.98 -24.97 -22.58
CA LYS A 40 25.20 -25.55 -23.91
C LYS A 40 26.61 -25.28 -24.40
N GLU A 41 27.13 -24.09 -24.14
CA GLU A 41 28.43 -23.71 -24.68
C GLU A 41 29.58 -24.35 -23.90
N PHE A 42 29.40 -24.54 -22.58
CA PHE A 42 30.47 -24.98 -21.69
C PHE A 42 30.18 -26.25 -20.87
N PRO A 43 29.85 -27.37 -21.55
CA PRO A 43 29.48 -28.59 -20.80
C PRO A 43 30.61 -29.15 -19.91
N ASP A 44 31.86 -29.03 -20.34
CA ASP A 44 32.97 -29.53 -19.50
C ASP A 44 33.01 -28.79 -18.17
N LEU A 45 32.82 -27.48 -18.20
CA LEU A 45 32.84 -26.67 -16.98
C LEU A 45 31.66 -27.00 -16.07
N VAL A 46 30.49 -27.28 -16.63
CA VAL A 46 29.36 -27.69 -15.81
C VAL A 46 29.67 -29.02 -15.10
N LYS A 47 30.23 -29.96 -15.86
CA LYS A 47 30.62 -31.25 -15.31
C LYS A 47 31.65 -31.04 -14.20
N ARG A 48 32.58 -30.13 -14.44
CA ARG A 48 33.66 -29.90 -13.48
C ARG A 48 33.15 -29.24 -12.19
N GLU A 49 32.21 -28.31 -12.30
CA GLU A 49 31.62 -27.68 -11.12
C GLU A 49 31.01 -28.74 -10.20
N ASN A 50 30.23 -29.66 -10.77
CA ASN A 50 29.65 -30.74 -9.99
C ASN A 50 30.70 -31.72 -9.48
N ALA A 51 31.69 -32.04 -10.32
CA ALA A 51 32.70 -33.03 -9.97
C ALA A 51 33.52 -32.60 -8.75
N GLU A 52 33.73 -31.29 -8.61
CA GLU A 52 34.62 -30.78 -7.58
C GLU A 52 33.85 -30.29 -6.36
N GLY A 53 32.59 -30.73 -6.24
CA GLY A 53 31.87 -30.57 -4.99
C GLY A 53 31.04 -29.30 -4.86
N HIS A 54 30.83 -28.60 -5.95
CA HIS A 54 30.04 -27.36 -5.90
C HIS A 54 28.57 -27.67 -6.26
N TYR A 55 27.67 -26.80 -5.83
CA TYR A 55 26.27 -26.93 -6.22
C TYR A 55 26.07 -26.25 -7.56
N VAL A 56 25.31 -26.89 -8.44
CA VAL A 56 24.94 -26.27 -9.72
C VAL A 56 23.44 -26.08 -9.78
N GLY A 57 22.99 -24.82 -9.84
CA GLY A 57 21.58 -24.49 -9.97
C GLY A 57 21.27 -23.63 -11.20
N MET A 58 20.04 -23.13 -11.30
CA MET A 58 19.55 -22.53 -12.53
C MET A 58 19.41 -20.99 -12.43
N HIS A 59 19.73 -20.31 -13.52
CA HIS A 59 19.65 -18.84 -13.57
C HIS A 59 18.88 -18.40 -14.83
N SER A 60 18.09 -19.33 -15.38
CA SER A 60 17.14 -19.14 -16.50
C SER A 60 17.79 -19.37 -17.86
N MET A 61 16.99 -19.27 -18.91
CA MET A 61 17.46 -19.37 -20.30
C MET A 61 17.75 -17.99 -20.93
N THR A 62 16.83 -17.05 -20.82
CA THR A 62 16.93 -15.78 -21.51
C THR A 62 17.52 -14.66 -20.66
N HIS A 63 17.44 -14.79 -19.33
CA HIS A 63 17.83 -13.72 -18.42
C HIS A 63 17.10 -12.43 -18.81
N ASN A 64 15.88 -12.60 -19.32
CA ASN A 64 15.10 -11.48 -19.85
C ASN A 64 13.97 -11.15 -18.87
N PHE A 65 14.08 -9.98 -18.23
CA PHE A 65 13.14 -9.54 -17.20
C PHE A 65 11.68 -9.59 -17.66
N ALA A 66 11.40 -9.13 -18.88
CA ALA A 66 10.04 -9.06 -19.39
C ALA A 66 9.46 -10.47 -19.57
N LYS A 67 10.28 -11.38 -20.09
CA LYS A 67 9.82 -12.74 -20.37
C LYS A 67 9.57 -13.50 -19.08
N LEU A 68 10.50 -13.36 -18.16
CA LEU A 68 10.48 -14.13 -16.91
C LEU A 68 9.32 -13.73 -15.99
N TYR A 69 9.09 -12.43 -15.81
CA TYR A 69 8.20 -12.00 -14.75
C TYR A 69 6.86 -11.53 -15.31
N LYS A 70 6.86 -10.46 -16.11
CA LYS A 70 5.61 -9.95 -16.67
C LYS A 70 4.92 -10.98 -17.57
N ASN A 71 5.67 -11.69 -18.40
CA ASN A 71 5.07 -12.71 -19.26
C ASN A 71 4.96 -14.05 -18.55
N GLY A 72 5.58 -14.14 -17.37
CA GLY A 72 5.38 -15.28 -16.49
C GLY A 72 6.08 -16.57 -16.89
N GLU A 73 7.20 -16.45 -17.61
CA GLU A 73 7.91 -17.66 -18.06
C GLU A 73 8.95 -18.17 -17.07
N TYR A 74 9.08 -17.54 -15.90
CA TYR A 74 10.10 -17.93 -14.92
C TYR A 74 10.24 -19.46 -14.72
N VAL A 75 9.14 -20.12 -14.41
CA VAL A 75 9.22 -21.56 -14.10
C VAL A 75 9.53 -22.39 -15.35
N ASN A 76 8.93 -22.02 -16.48
CA ASN A 76 9.21 -22.73 -17.72
C ASN A 76 10.69 -22.65 -18.07
N GLU A 77 11.31 -21.48 -17.95
CA GLU A 77 12.73 -21.32 -18.23
C GLU A 77 13.60 -22.07 -17.25
N MET A 78 13.23 -22.04 -15.98
CA MET A 78 14.02 -22.73 -14.98
C MET A 78 13.95 -24.24 -15.21
N LYS A 79 12.78 -24.73 -15.57
CA LYS A 79 12.62 -26.17 -15.86
C LYS A 79 13.43 -26.57 -17.08
N GLU A 80 13.43 -25.73 -18.10
CA GLU A 80 14.22 -26.02 -19.31
C GLU A 80 15.72 -26.04 -18.99
N ASP A 81 16.16 -25.03 -18.24
CA ASP A 81 17.54 -24.93 -17.77
C ASP A 81 17.90 -26.16 -16.91
N GLN A 82 16.97 -26.56 -16.05
CA GLN A 82 17.16 -27.75 -15.20
C GLN A 82 17.47 -29.00 -16.04
N GLY A 83 16.76 -29.18 -17.15
CA GLY A 83 16.94 -30.35 -18.00
C GLY A 83 18.30 -30.38 -18.67
N LEU A 84 18.80 -29.20 -19.08
CA LEU A 84 20.13 -29.10 -19.69
C LEU A 84 21.19 -29.49 -18.68
N ILE A 85 21.02 -28.98 -17.46
CA ILE A 85 21.99 -29.32 -16.42
C ILE A 85 21.90 -30.82 -16.11
N ALA A 86 20.69 -31.35 -16.01
CA ALA A 86 20.51 -32.78 -15.70
C ALA A 86 21.15 -33.68 -16.75
N ASN A 87 21.12 -33.27 -18.01
CA ASN A 87 21.76 -34.06 -19.06
C ASN A 87 23.26 -34.18 -18.86
N ILE A 88 23.87 -33.25 -18.14
CA ILE A 88 25.30 -33.31 -17.88
C ILE A 88 25.64 -33.95 -16.54
N ILE A 89 24.96 -33.55 -15.46
CA ILE A 89 25.36 -34.06 -14.14
C ILE A 89 24.50 -35.22 -13.61
N GLY A 90 23.46 -35.58 -14.36
CA GLY A 90 22.70 -36.78 -14.04
C GLY A 90 21.69 -36.66 -12.91
N LYS A 91 21.33 -35.43 -12.55
CA LYS A 91 20.28 -35.21 -11.55
C LYS A 91 19.70 -33.84 -11.80
N SER A 92 18.51 -33.57 -11.25
CA SER A 92 17.80 -32.32 -11.51
C SER A 92 17.83 -31.41 -10.29
N PRO A 93 18.68 -30.38 -10.33
CA PRO A 93 18.80 -29.43 -9.22
C PRO A 93 17.48 -28.69 -8.96
N LYS A 94 17.20 -28.36 -7.72
CA LYS A 94 15.95 -27.68 -7.40
C LYS A 94 16.11 -26.17 -7.17
N LEU A 95 17.32 -25.71 -6.87
CA LEU A 95 17.49 -24.29 -6.50
C LEU A 95 17.65 -23.35 -7.69
N THR A 96 16.82 -22.30 -7.73
CA THR A 96 16.94 -21.27 -8.74
C THR A 96 17.38 -19.95 -8.10
N ARG A 97 18.01 -19.12 -8.92
CA ARG A 97 18.44 -17.75 -8.58
C ARG A 97 17.81 -16.83 -9.62
N PRO A 98 16.90 -15.93 -9.17
CA PRO A 98 16.17 -15.09 -10.13
C PRO A 98 17.11 -14.10 -10.81
N PRO A 99 17.08 -14.01 -12.13
CA PRO A 99 17.76 -12.87 -12.74
C PRO A 99 17.21 -11.57 -12.16
N TYR A 100 18.11 -10.67 -11.76
CA TYR A 100 17.77 -9.37 -11.17
C TYR A 100 17.13 -9.47 -9.78
N GLY A 101 17.15 -10.65 -9.18
CA GLY A 101 16.54 -10.83 -7.87
C GLY A 101 15.02 -11.01 -7.95
N SER A 102 14.43 -11.53 -6.88
CA SER A 102 13.01 -11.92 -6.91
C SER A 102 12.04 -10.74 -6.72
N MET A 103 12.59 -9.59 -6.32
CA MET A 103 11.77 -8.46 -5.90
C MET A 103 11.91 -7.29 -6.87
N PRO A 104 10.81 -6.90 -7.54
CA PRO A 104 9.42 -7.32 -7.36
C PRO A 104 8.94 -8.32 -8.40
N GLY A 105 9.85 -8.79 -9.25
CA GLY A 105 9.50 -9.65 -10.38
C GLY A 105 8.68 -10.87 -10.04
N LEU A 106 9.09 -11.59 -9.00
CA LEU A 106 8.44 -12.87 -8.67
C LEU A 106 7.18 -12.63 -7.86
N ASN A 107 6.09 -12.28 -8.54
CA ASN A 107 4.82 -11.94 -7.86
C ASN A 107 4.17 -13.18 -7.22
N GLU A 108 3.05 -12.98 -6.53
CA GLU A 108 2.49 -14.06 -5.72
C GLU A 108 2.08 -15.27 -6.56
N GLY A 109 1.58 -15.02 -7.77
CA GLY A 109 1.21 -16.07 -8.70
C GLY A 109 2.41 -16.90 -9.13
N LEU A 110 3.52 -16.22 -9.42
CA LEU A 110 4.74 -16.92 -9.82
C LEU A 110 5.36 -17.68 -8.66
N ARG A 111 5.27 -17.15 -7.45
CA ARG A 111 5.84 -17.86 -6.31
C ARG A 111 5.08 -19.17 -6.08
N ASN A 112 3.76 -19.15 -6.28
CA ASN A 112 2.98 -20.39 -6.19
C ASN A 112 3.45 -21.41 -7.23
N LYS A 113 3.75 -20.96 -8.44
CA LYS A 113 4.17 -21.86 -9.51
C LYS A 113 5.54 -22.45 -9.22
N VAL A 114 6.41 -21.63 -8.63
CA VAL A 114 7.72 -22.09 -8.17
C VAL A 114 7.57 -23.24 -7.18
N VAL A 115 6.75 -23.00 -6.16
CA VAL A 115 6.51 -23.99 -5.13
C VAL A 115 5.86 -25.24 -5.70
N GLU A 116 4.87 -25.06 -6.57
CA GLU A 116 4.18 -26.20 -7.17
C GLU A 116 5.10 -27.04 -8.06
N GLY A 117 6.11 -26.39 -8.63
CA GLY A 117 7.04 -27.08 -9.50
C GLY A 117 8.20 -27.74 -8.77
N GLY A 118 8.20 -27.62 -7.45
CA GLY A 118 9.25 -28.27 -6.68
C GLY A 118 10.54 -27.49 -6.67
N PHE A 119 10.49 -26.21 -7.05
CA PHE A 119 11.68 -25.36 -7.07
C PHE A 119 11.85 -24.57 -5.79
N LYS A 120 13.09 -24.18 -5.53
CA LYS A 120 13.43 -23.22 -4.47
C LYS A 120 14.00 -21.94 -5.10
N VAL A 121 14.05 -20.88 -4.31
CA VAL A 121 14.57 -19.60 -4.77
C VAL A 121 15.56 -19.04 -3.77
N TRP A 122 16.77 -18.76 -4.23
CA TRP A 122 17.71 -18.05 -3.37
C TRP A 122 18.02 -16.69 -3.98
N ASP A 123 17.80 -15.64 -3.21
CA ASP A 123 18.38 -14.33 -3.53
C ASP A 123 19.76 -14.28 -2.87
N TRP A 124 20.10 -13.17 -2.21
CA TRP A 124 21.41 -13.05 -1.53
C TRP A 124 21.34 -12.14 -0.31
N THR A 125 22.37 -12.17 0.52
CA THR A 125 22.46 -11.25 1.67
C THR A 125 23.58 -10.22 1.52
N ILE A 126 24.55 -10.52 0.66
CA ILE A 126 25.66 -9.60 0.34
C ILE A 126 25.81 -9.41 -1.18
N ASP A 127 25.67 -8.19 -1.65
CA ASP A 127 25.97 -7.88 -3.04
C ASP A 127 27.41 -7.39 -3.16
N SER A 128 28.24 -8.12 -3.89
CA SER A 128 29.64 -7.72 -4.06
C SER A 128 29.80 -6.41 -4.86
N LEU A 129 28.76 -6.02 -5.60
CA LEU A 129 28.79 -4.89 -6.54
C LEU A 129 29.88 -5.03 -7.61
N ASP A 130 30.20 -6.26 -8.00
CA ASP A 130 31.36 -6.47 -8.87
C ASP A 130 31.20 -5.83 -10.25
N TRP A 131 29.95 -5.73 -10.70
CA TRP A 131 29.66 -5.12 -12.00
C TRP A 131 30.06 -3.64 -12.08
N ARG A 132 30.16 -2.98 -10.93
CA ARG A 132 30.52 -1.54 -10.93
C ARG A 132 31.88 -1.32 -11.54
N TYR A 133 32.73 -2.32 -11.43
CA TYR A 133 34.13 -2.16 -11.79
C TYR A 133 34.47 -2.79 -13.13
N ASN A 134 33.43 -3.09 -13.92
CA ASN A 134 33.60 -3.65 -15.27
C ASN A 134 34.53 -2.80 -16.13
N LYS A 135 35.48 -3.48 -16.77
CA LYS A 135 36.48 -2.87 -17.66
C LYS A 135 37.46 -1.91 -16.97
N MET A 136 37.48 -1.89 -15.63
CA MET A 136 38.51 -1.13 -14.92
C MET A 136 39.74 -2.01 -14.63
N PRO A 137 40.89 -1.40 -14.29
CA PRO A 137 42.09 -2.16 -13.92
C PRO A 137 41.79 -3.25 -12.91
N VAL A 138 42.07 -4.50 -13.26
CA VAL A 138 41.55 -5.64 -12.52
C VAL A 138 42.05 -5.69 -11.07
N ASP A 139 43.34 -5.42 -10.86
CA ASP A 139 43.91 -5.49 -9.52
C ASP A 139 43.19 -4.61 -8.49
N ALA A 140 43.04 -3.32 -8.81
CA ALA A 140 42.37 -2.40 -7.90
C ALA A 140 40.89 -2.74 -7.76
N ALA A 141 40.27 -3.11 -8.88
CA ALA A 141 38.87 -3.52 -8.86
C ALA A 141 38.64 -4.72 -7.93
N ALA A 142 39.49 -5.74 -8.06
CA ALA A 142 39.37 -6.95 -7.23
C ALA A 142 39.50 -6.62 -5.74
N ALA A 143 40.43 -5.71 -5.42
CA ALA A 143 40.64 -5.33 -4.02
C ALA A 143 39.38 -4.66 -3.46
N GLN A 144 38.76 -3.81 -4.26
CA GLN A 144 37.56 -3.09 -3.82
C GLN A 144 36.39 -4.03 -3.63
N ILE A 145 36.24 -4.95 -4.57
CA ILE A 145 35.19 -5.97 -4.48
C ILE A 145 35.36 -6.78 -3.21
N ALA A 146 36.61 -7.17 -2.90
CA ALA A 146 36.87 -7.93 -1.69
C ALA A 146 36.44 -7.14 -0.46
N GLN A 147 36.74 -5.84 -0.45
CA GLN A 147 36.32 -4.97 0.63
C GLN A 147 34.80 -4.88 0.77
N ASN A 148 34.10 -4.76 -0.37
CA ASN A 148 32.64 -4.72 -0.37
C ASN A 148 32.06 -5.94 0.35
N VAL A 149 32.66 -7.10 0.11
CA VAL A 149 32.16 -8.34 0.68
C VAL A 149 32.55 -8.48 2.14
N LEU A 150 33.84 -8.31 2.42
CA LEU A 150 34.36 -8.46 3.78
C LEU A 150 33.71 -7.49 4.76
N THR A 151 33.46 -6.27 4.31
CA THR A 151 32.90 -5.24 5.19
C THR A 151 31.43 -5.51 5.54
N ASN A 152 30.72 -6.20 4.65
CA ASN A 152 29.30 -6.43 4.88
C ASN A 152 28.99 -7.82 5.46
N ALA A 153 30.03 -8.58 5.76
CA ALA A 153 29.88 -9.91 6.34
C ALA A 153 29.84 -9.87 7.85
N THR A 154 28.63 -9.91 8.42
CA THR A 154 28.45 -9.73 9.86
C THR A 154 27.59 -10.81 10.52
N LYS A 155 26.89 -11.61 9.71
CA LYS A 155 25.93 -12.58 10.21
C LYS A 155 26.47 -14.01 10.09
N PRO A 156 25.95 -14.93 10.91
CA PRO A 156 26.42 -16.33 10.89
C PRO A 156 26.27 -17.01 9.53
N GLN A 157 25.21 -16.69 8.80
CA GLN A 157 25.05 -17.15 7.43
C GLN A 157 25.04 -15.98 6.46
N GLU A 158 25.90 -16.02 5.44
CA GLU A 158 25.89 -14.97 4.44
C GLU A 158 25.88 -15.61 3.08
N VAL A 159 25.01 -15.12 2.20
CA VAL A 159 24.96 -15.59 0.82
C VAL A 159 25.43 -14.47 -0.09
N ILE A 160 26.57 -14.69 -0.74
CA ILE A 160 27.29 -13.64 -1.45
C ILE A 160 27.07 -13.72 -2.95
N LEU A 161 26.59 -12.62 -3.53
CA LEU A 161 26.34 -12.54 -4.96
C LEU A 161 27.58 -12.07 -5.69
N MET A 162 28.11 -12.92 -6.57
CA MET A 162 29.14 -12.53 -7.53
C MET A 162 28.81 -13.06 -8.93
N HIS A 163 29.57 -12.60 -9.93
CA HIS A 163 29.39 -13.09 -11.30
C HIS A 163 30.72 -13.63 -11.81
N ASP A 164 30.83 -14.93 -12.11
CA ASP A 164 32.15 -15.44 -12.50
C ASP A 164 32.49 -15.10 -13.95
N ILE A 165 31.57 -14.42 -14.64
CA ILE A 165 31.84 -13.95 -16.00
C ILE A 165 32.61 -12.61 -16.01
N HIS A 166 32.77 -11.98 -14.85
CA HIS A 166 33.60 -10.78 -14.74
C HIS A 166 35.01 -11.16 -14.25
N PRO A 167 36.05 -10.76 -14.99
CA PRO A 167 37.41 -11.09 -14.57
C PRO A 167 37.78 -10.52 -13.20
N GLN A 168 37.25 -9.35 -12.86
CA GLN A 168 37.63 -8.72 -11.60
C GLN A 168 36.98 -9.45 -10.42
N SER A 169 35.86 -10.13 -10.67
CA SER A 169 35.20 -10.88 -9.60
C SER A 169 36.01 -12.12 -9.25
N VAL A 170 36.46 -12.83 -10.27
CA VAL A 170 37.27 -14.02 -10.06
C VAL A 170 38.59 -13.64 -9.38
N ALA A 171 39.15 -12.49 -9.76
CA ALA A 171 40.41 -12.03 -9.17
C ALA A 171 40.24 -11.65 -7.68
N ALA A 172 39.02 -11.29 -7.29
CA ALA A 172 38.73 -10.88 -5.92
C ALA A 172 38.60 -12.05 -4.93
N VAL A 173 38.32 -13.24 -5.47
CA VAL A 173 37.99 -14.39 -4.63
C VAL A 173 39.09 -14.78 -3.63
N PRO A 174 40.38 -14.80 -4.04
CA PRO A 174 41.40 -15.13 -3.02
C PRO A 174 41.37 -14.24 -1.78
N ALA A 175 41.23 -12.93 -1.96
CA ALA A 175 41.21 -12.01 -0.83
C ALA A 175 39.96 -12.25 0.01
N ILE A 176 38.86 -12.58 -0.66
CA ILE A 176 37.60 -12.84 0.03
C ILE A 176 37.71 -14.12 0.86
N LEU A 177 38.25 -15.18 0.27
CA LEU A 177 38.45 -16.44 1.00
C LEU A 177 39.35 -16.23 2.22
N LYS A 178 40.46 -15.53 2.02
CA LYS A 178 41.38 -15.22 3.11
C LYS A 178 40.69 -14.45 4.23
N GLY A 179 40.00 -13.37 3.86
CA GLY A 179 39.39 -12.48 4.84
C GLY A 179 38.25 -13.08 5.63
N LEU A 180 37.35 -13.81 4.96
CA LEU A 180 36.22 -14.41 5.65
C LEU A 180 36.66 -15.58 6.53
N LYS A 181 37.68 -16.33 6.08
CA LYS A 181 38.25 -17.39 6.92
C LYS A 181 38.78 -16.81 8.22
N GLU A 182 39.37 -15.61 8.15
CA GLU A 182 39.90 -14.94 9.33
C GLU A 182 38.78 -14.47 10.26
N LYS A 183 37.58 -14.32 9.71
CA LYS A 183 36.40 -13.92 10.48
C LYS A 183 35.63 -15.13 11.00
N GLY A 184 36.15 -16.33 10.72
CA GLY A 184 35.58 -17.55 11.26
C GLY A 184 34.55 -18.24 10.39
N TYR A 185 34.50 -17.88 9.11
CA TYR A 185 33.55 -18.48 8.19
C TYR A 185 34.07 -19.75 7.54
N GLU A 186 33.17 -20.73 7.39
CA GLU A 186 33.40 -21.90 6.54
C GLU A 186 32.85 -21.59 5.15
N PHE A 187 33.50 -22.12 4.12
CA PHE A 187 32.97 -21.95 2.76
C PHE A 187 32.28 -23.22 2.25
N GLU A 188 30.96 -23.20 2.26
CA GLU A 188 30.18 -24.38 1.87
C GLU A 188 29.35 -24.13 0.62
N ALA A 189 29.06 -25.23 -0.07
CA ALA A 189 28.13 -25.24 -1.18
C ALA A 189 26.72 -25.38 -0.64
N TYR A 190 25.75 -24.88 -1.39
CA TYR A 190 24.35 -25.15 -1.09
C TYR A 190 24.09 -26.65 -1.22
N HIS A 191 23.23 -27.18 -0.37
CA HIS A 191 22.71 -28.53 -0.52
C HIS A 191 21.22 -28.53 -0.21
N GLU A 192 20.44 -29.23 -1.02
CA GLU A 192 18.98 -29.20 -0.89
C GLU A 192 18.49 -29.72 0.46
N GLU A 193 19.22 -30.65 1.08
CA GLU A 193 18.79 -31.18 2.37
C GLU A 193 19.17 -30.23 3.51
N SER A 194 19.88 -29.15 3.14
CA SER A 194 20.27 -28.12 4.10
C SER A 194 19.59 -26.79 3.82
N HIS A 195 18.44 -26.82 3.14
CA HIS A 195 17.81 -25.58 2.71
C HIS A 195 17.38 -24.72 3.88
N PHE A 196 17.58 -23.42 3.74
CA PHE A 196 16.95 -22.45 4.61
C PHE A 196 16.59 -21.26 3.72
N PRO A 197 15.45 -20.61 3.99
CA PRO A 197 14.97 -19.54 3.11
C PRO A 197 15.90 -18.34 3.07
N VAL A 198 16.23 -17.90 1.85
CA VAL A 198 16.95 -16.66 1.61
C VAL A 198 16.31 -16.01 0.40
N ASN A 199 15.24 -15.25 0.62
CA ASN A 199 14.63 -14.54 -0.49
C ASN A 199 14.01 -13.25 -0.01
N PHE A 200 14.01 -12.28 -0.92
CA PHE A 200 13.56 -10.92 -0.61
C PHE A 200 12.09 -10.83 -0.20
N TRP A 201 11.28 -11.82 -0.56
CA TRP A 201 9.87 -11.82 -0.19
C TRP A 201 9.64 -12.34 1.21
N HIS A 202 10.68 -12.92 1.79
CA HIS A 202 10.57 -13.66 3.05
C HIS A 202 9.47 -14.73 2.93
N ASP A 203 9.43 -15.37 1.77
CA ASP A 203 8.46 -16.43 1.50
C ASP A 203 9.12 -17.74 1.92
N ASN A 204 8.69 -18.28 3.06
CA ASN A 204 9.40 -19.42 3.64
C ASN A 204 9.09 -20.74 2.96
N ARG A 205 8.27 -20.69 1.91
CA ARG A 205 7.97 -21.88 1.12
C ARG A 205 9.04 -22.09 0.03
N MET A 206 9.82 -21.05 -0.24
CA MET A 206 10.79 -21.04 -1.34
C MET A 206 12.22 -21.17 -0.86
N ARG B 1 -19.21 -6.57 25.51
CA ARG B 1 -20.15 -6.79 24.42
C ARG B 1 -19.49 -6.52 23.07
N LYS B 2 -18.17 -6.54 23.05
CA LYS B 2 -17.41 -6.21 21.84
C LYS B 2 -17.21 -7.42 20.93
N VAL B 3 -17.66 -7.30 19.69
CA VAL B 3 -17.53 -8.40 18.75
C VAL B 3 -16.84 -7.94 17.49
N ALA B 4 -15.79 -8.65 17.09
CA ALA B 4 -15.12 -8.37 15.83
C ALA B 4 -15.54 -9.42 14.82
N TYR B 5 -16.03 -8.97 13.67
CA TYR B 5 -16.40 -9.89 12.60
C TYR B 5 -15.35 -9.86 11.48
N LEU B 6 -14.42 -10.81 11.53
CA LEU B 6 -13.46 -10.97 10.45
C LEU B 6 -14.20 -11.45 9.22
N THR B 7 -14.05 -10.75 8.10
CA THR B 7 -14.68 -11.18 6.86
C THR B 7 -13.62 -11.32 5.78
N PHE B 8 -13.64 -12.45 5.07
CA PHE B 8 -12.63 -12.74 4.07
C PHE B 8 -13.28 -12.90 2.70
N ASP B 9 -12.82 -12.10 1.74
CA ASP B 9 -13.44 -12.00 0.42
C ASP B 9 -12.62 -12.68 -0.66
N ASP B 10 -13.32 -13.08 -1.72
CA ASP B 10 -12.76 -13.43 -3.04
C ASP B 10 -12.32 -14.89 -3.13
N GLY B 11 -12.49 -15.65 -2.06
CA GLY B 11 -11.99 -17.01 -2.01
C GLY B 11 -13.00 -18.06 -2.41
N PRO B 12 -12.73 -19.34 -2.09
CA PRO B 12 -11.53 -19.81 -1.39
C PRO B 12 -10.29 -19.82 -2.27
N GLY B 13 -9.15 -20.18 -1.68
CA GLY B 13 -7.94 -20.27 -2.46
C GLY B 13 -6.84 -21.01 -1.75
N LYS B 14 -5.62 -20.83 -2.23
CA LYS B 14 -4.53 -21.70 -1.84
C LYS B 14 -4.00 -21.44 -0.43
N TYR B 15 -4.47 -20.37 0.21
CA TYR B 15 -4.06 -20.03 1.57
C TYR B 15 -5.17 -20.26 2.58
N THR B 16 -6.33 -20.70 2.10
CA THR B 16 -7.52 -20.77 2.94
C THR B 16 -7.46 -21.88 4.01
N ALA B 17 -6.86 -23.03 3.67
CA ALA B 17 -6.71 -24.10 4.65
C ALA B 17 -5.85 -23.63 5.83
N GLU B 18 -4.73 -22.98 5.51
CA GLU B 18 -3.87 -22.38 6.53
C GLU B 18 -4.63 -21.39 7.41
N LEU B 19 -5.39 -20.49 6.79
CA LEU B 19 -6.21 -19.54 7.54
C LEU B 19 -7.19 -20.28 8.47
N LEU B 20 -7.86 -21.29 7.94
CA LEU B 20 -8.81 -22.07 8.74
C LEU B 20 -8.13 -22.70 9.96
N ASN B 21 -6.92 -23.24 9.76
CA ASN B 21 -6.16 -23.79 10.88
C ASN B 21 -5.85 -22.72 11.93
N THR B 22 -5.48 -21.53 11.47
CA THR B 22 -5.18 -20.44 12.37
C THR B 22 -6.39 -20.06 13.20
N LEU B 23 -7.54 -19.90 12.53
CA LEU B 23 -8.77 -19.53 13.23
C LEU B 23 -9.14 -20.59 14.25
N LYS B 24 -8.99 -21.87 13.87
CA LYS B 24 -9.33 -22.97 14.76
C LYS B 24 -8.42 -22.98 16.00
N GLN B 25 -7.13 -22.77 15.76
CA GLN B 25 -6.14 -22.73 16.85
C GLN B 25 -6.46 -21.67 17.89
N HIS B 26 -7.03 -20.55 17.45
CA HIS B 26 -7.40 -19.43 18.32
C HIS B 26 -8.86 -19.48 18.76
N ASP B 27 -9.56 -20.56 18.40
CA ASP B 27 -11.00 -20.67 18.64
C ASP B 27 -11.75 -19.40 18.19
N ALA B 28 -11.44 -18.95 16.98
CA ALA B 28 -12.10 -17.80 16.41
C ALA B 28 -13.01 -18.24 15.28
N LYS B 29 -14.19 -17.63 15.19
CA LYS B 29 -15.10 -17.88 14.08
C LYS B 29 -15.20 -16.64 13.20
N ALA B 30 -15.29 -16.86 11.89
CA ALA B 30 -15.26 -15.77 10.93
C ALA B 30 -16.30 -15.94 9.85
N THR B 31 -16.22 -15.07 8.84
CA THR B 31 -17.20 -15.01 7.77
C THR B 31 -16.47 -14.97 6.44
N PHE B 32 -16.95 -15.76 5.48
CA PHE B 32 -16.30 -15.87 4.18
C PHE B 32 -17.30 -15.55 3.08
N PHE B 33 -16.88 -14.67 2.17
CA PHE B 33 -17.70 -14.27 1.04
C PHE B 33 -17.05 -14.77 -0.25
N LEU B 34 -17.68 -15.75 -0.88
CA LEU B 34 -17.01 -16.54 -1.93
C LEU B 34 -17.40 -16.15 -3.36
N ILE B 35 -16.44 -16.25 -4.27
CA ILE B 35 -16.70 -16.07 -5.68
C ILE B 35 -17.07 -17.41 -6.32
N GLY B 36 -18.13 -17.43 -7.12
CA GLY B 36 -18.62 -18.66 -7.74
C GLY B 36 -17.56 -19.57 -8.35
N ALA B 37 -16.65 -18.99 -9.14
CA ALA B 37 -15.62 -19.79 -9.80
C ALA B 37 -14.75 -20.53 -8.78
N ASN B 38 -14.47 -19.89 -7.65
CA ASN B 38 -13.68 -20.54 -6.62
C ASN B 38 -14.48 -21.57 -5.80
N VAL B 39 -15.78 -21.34 -5.68
CA VAL B 39 -16.68 -22.34 -5.08
C VAL B 39 -16.60 -23.64 -5.87
N LYS B 40 -16.49 -23.51 -7.19
CA LYS B 40 -16.47 -24.67 -8.07
C LYS B 40 -15.08 -25.32 -8.13
N GLU B 41 -14.05 -24.53 -7.91
CA GLU B 41 -12.69 -25.04 -7.95
C GLU B 41 -12.29 -25.64 -6.61
N PHE B 42 -12.79 -25.07 -5.51
CA PHE B 42 -12.39 -25.54 -4.19
C PHE B 42 -13.59 -25.94 -3.31
N PRO B 43 -14.39 -26.92 -3.73
CA PRO B 43 -15.59 -27.23 -2.95
C PRO B 43 -15.28 -27.78 -1.56
N ASP B 44 -14.16 -28.48 -1.41
CA ASP B 44 -13.80 -29.08 -0.14
C ASP B 44 -13.49 -28.02 0.91
N LEU B 45 -12.96 -26.87 0.48
CA LEU B 45 -12.71 -25.74 1.37
C LEU B 45 -14.01 -25.04 1.78
N VAL B 46 -14.95 -24.91 0.86
CA VAL B 46 -16.27 -24.35 1.19
C VAL B 46 -16.91 -25.21 2.28
N LYS B 47 -16.88 -26.53 2.08
CA LYS B 47 -17.47 -27.46 3.04
C LYS B 47 -16.80 -27.34 4.40
N ARG B 48 -15.47 -27.24 4.39
CA ARG B 48 -14.69 -27.08 5.59
C ARG B 48 -14.96 -25.77 6.32
N GLU B 49 -15.15 -24.69 5.58
CA GLU B 49 -15.48 -23.39 6.17
C GLU B 49 -16.78 -23.51 6.97
N ASN B 50 -17.80 -24.10 6.36
CA ASN B 50 -19.07 -24.28 7.06
C ASN B 50 -18.98 -25.30 8.19
N ALA B 51 -18.26 -26.39 7.97
CA ALA B 51 -18.18 -27.43 8.98
C ALA B 51 -17.49 -26.93 10.25
N GLU B 52 -16.62 -25.94 10.12
CA GLU B 52 -15.82 -25.51 11.26
C GLU B 52 -16.37 -24.24 11.92
N GLY B 53 -17.65 -23.99 11.73
CA GLY B 53 -18.32 -22.93 12.45
C GLY B 53 -18.30 -21.53 11.85
N HIS B 54 -17.81 -21.40 10.62
CA HIS B 54 -17.76 -20.08 9.97
C HIS B 54 -18.98 -19.87 9.08
N TYR B 55 -19.35 -18.61 8.86
CA TYR B 55 -20.46 -18.30 7.97
C TYR B 55 -19.97 -18.21 6.54
N VAL B 56 -20.67 -18.89 5.64
CA VAL B 56 -20.35 -18.83 4.21
C VAL B 56 -21.42 -18.04 3.48
N GLY B 57 -21.01 -16.95 2.82
CA GLY B 57 -21.90 -16.08 2.07
C GLY B 57 -21.39 -15.84 0.66
N MET B 58 -22.11 -15.01 -0.10
CA MET B 58 -21.84 -14.82 -1.52
C MET B 58 -21.09 -13.52 -1.86
N HIS B 59 -20.19 -13.62 -2.83
CA HIS B 59 -19.42 -12.46 -3.31
C HIS B 59 -19.48 -12.34 -4.85
N SER B 60 -20.51 -12.95 -5.44
CA SER B 60 -20.86 -12.89 -6.88
C SER B 60 -20.17 -13.97 -7.72
N MET B 61 -20.43 -13.93 -9.02
CA MET B 61 -19.84 -14.87 -9.96
C MET B 61 -18.67 -14.25 -10.70
N THR B 62 -18.88 -13.03 -11.19
CA THR B 62 -17.92 -12.37 -12.08
C THR B 62 -17.03 -11.33 -11.40
N HIS B 63 -17.46 -10.82 -10.26
CA HIS B 63 -16.76 -9.73 -9.56
C HIS B 63 -16.47 -8.58 -10.53
N ASN B 64 -17.40 -8.36 -11.45
CA ASN B 64 -17.24 -7.37 -12.51
C ASN B 64 -18.22 -6.22 -12.30
N PHE B 65 -17.68 -5.03 -12.04
CA PHE B 65 -18.48 -3.86 -11.71
C PHE B 65 -19.54 -3.55 -12.76
N ALA B 66 -19.15 -3.55 -14.02
CA ALA B 66 -20.07 -3.27 -15.11
C ALA B 66 -21.24 -4.24 -15.15
N LYS B 67 -20.95 -5.54 -15.06
CA LYS B 67 -22.01 -6.54 -15.11
C LYS B 67 -22.95 -6.44 -13.92
N LEU B 68 -22.38 -6.32 -12.72
CA LEU B 68 -23.16 -6.36 -11.48
C LEU B 68 -24.04 -5.13 -11.28
N TYR B 69 -23.48 -3.96 -11.54
CA TYR B 69 -24.15 -2.72 -11.17
C TYR B 69 -24.70 -1.94 -12.37
N LYS B 70 -23.83 -1.65 -13.34
CA LYS B 70 -24.27 -0.95 -14.55
C LYS B 70 -25.33 -1.74 -15.31
N ASN B 71 -25.11 -3.04 -15.47
CA ASN B 71 -26.05 -3.93 -16.16
C ASN B 71 -27.04 -4.59 -15.20
N GLY B 72 -26.87 -4.35 -13.91
CA GLY B 72 -27.84 -4.79 -12.92
C GLY B 72 -27.94 -6.30 -12.69
N GLU B 73 -26.84 -7.02 -12.89
CA GLU B 73 -26.86 -8.47 -12.69
C GLU B 73 -26.59 -8.89 -11.24
N TYR B 74 -26.43 -7.93 -10.33
CA TYR B 74 -26.07 -8.24 -8.94
C TYR B 74 -26.90 -9.37 -8.31
N VAL B 75 -28.22 -9.21 -8.27
CA VAL B 75 -29.06 -10.21 -7.60
C VAL B 75 -28.99 -11.56 -8.31
N ASN B 76 -29.02 -11.55 -9.63
CA ASN B 76 -28.90 -12.79 -10.40
C ASN B 76 -27.63 -13.55 -10.10
N GLU B 77 -26.51 -12.83 -10.04
CA GLU B 77 -25.21 -13.43 -9.75
C GLU B 77 -25.16 -13.94 -8.32
N MET B 78 -25.73 -13.20 -7.39
CA MET B 78 -25.73 -13.64 -5.99
C MET B 78 -26.60 -14.88 -5.81
N LYS B 79 -27.70 -14.95 -6.55
CA LYS B 79 -28.56 -16.12 -6.48
C LYS B 79 -27.85 -17.33 -7.10
N GLU B 80 -27.15 -17.14 -8.21
CA GLU B 80 -26.43 -18.25 -8.83
C GLU B 80 -25.36 -18.79 -7.89
N ASP B 81 -24.61 -17.88 -7.28
CA ASP B 81 -23.57 -18.19 -6.31
C ASP B 81 -24.17 -18.93 -5.10
N GLN B 82 -25.32 -18.45 -4.65
CA GLN B 82 -26.05 -19.05 -3.54
C GLN B 82 -26.37 -20.52 -3.82
N GLY B 83 -26.83 -20.81 -5.03
CA GLY B 83 -27.18 -22.18 -5.39
C GLY B 83 -25.96 -23.09 -5.38
N LEU B 84 -24.82 -22.57 -5.83
CA LEU B 84 -23.60 -23.35 -5.87
C LEU B 84 -23.16 -23.73 -4.47
N ILE B 85 -23.21 -22.75 -3.57
CA ILE B 85 -22.87 -22.96 -2.18
C ILE B 85 -23.86 -23.92 -1.52
N ALA B 86 -25.16 -23.73 -1.80
CA ALA B 86 -26.19 -24.59 -1.23
C ALA B 86 -25.97 -26.07 -1.56
N ASN B 87 -25.53 -26.35 -2.77
CA ASN B 87 -25.31 -27.75 -3.19
C ASN B 87 -24.20 -28.40 -2.40
N ILE B 88 -23.30 -27.58 -1.85
CA ILE B 88 -22.19 -28.09 -1.06
C ILE B 88 -22.54 -28.24 0.42
N ILE B 89 -23.08 -27.19 1.02
CA ILE B 89 -23.21 -27.15 2.47
C ILE B 89 -24.65 -27.39 2.94
N GLY B 90 -25.58 -27.47 2.00
CA GLY B 90 -26.96 -27.81 2.34
C GLY B 90 -27.80 -26.68 2.92
N LYS B 91 -27.23 -25.49 3.00
CA LYS B 91 -27.91 -24.24 3.41
C LYS B 91 -28.00 -23.28 2.24
N SER B 92 -29.03 -22.43 2.20
CA SER B 92 -29.02 -21.29 1.26
C SER B 92 -28.76 -19.97 1.98
N PRO B 93 -27.49 -19.53 2.01
CA PRO B 93 -27.10 -18.29 2.69
C PRO B 93 -27.85 -17.08 2.13
N LYS B 94 -28.13 -16.10 2.99
CA LYS B 94 -28.85 -14.90 2.57
C LYS B 94 -27.93 -13.68 2.45
N LEU B 95 -26.76 -13.73 3.09
CA LEU B 95 -25.92 -12.55 3.17
C LEU B 95 -24.94 -12.43 2.00
N THR B 96 -24.94 -11.24 1.39
CA THR B 96 -24.06 -10.96 0.26
C THR B 96 -23.12 -9.83 0.64
N ARG B 97 -21.92 -9.87 0.06
CA ARG B 97 -20.92 -8.81 0.20
C ARG B 97 -20.64 -8.30 -1.19
N PRO B 98 -20.94 -7.02 -1.46
CA PRO B 98 -20.80 -6.49 -2.81
C PRO B 98 -19.34 -6.41 -3.22
N PRO B 99 -19.00 -6.90 -4.42
CA PRO B 99 -17.68 -6.56 -4.94
C PRO B 99 -17.51 -5.05 -5.00
N TYR B 100 -16.35 -4.57 -4.53
CA TYR B 100 -16.01 -3.15 -4.47
C TYR B 100 -16.89 -2.36 -3.51
N GLY B 101 -17.65 -3.05 -2.67
CA GLY B 101 -18.56 -2.39 -1.74
C GLY B 101 -19.82 -1.88 -2.42
N SER B 102 -20.85 -1.57 -1.62
CA SER B 102 -22.15 -1.20 -2.18
C SER B 102 -22.20 0.21 -2.78
N MET B 103 -21.23 1.05 -2.43
CA MET B 103 -21.26 2.47 -2.77
C MET B 103 -20.29 2.83 -3.89
N PRO B 104 -20.79 3.29 -5.05
CA PRO B 104 -22.18 3.63 -5.38
C PRO B 104 -22.88 2.61 -6.27
N GLY B 105 -22.25 1.47 -6.53
CA GLY B 105 -22.80 0.47 -7.42
C GLY B 105 -24.24 0.03 -7.13
N LEU B 106 -24.54 -0.21 -5.87
CA LEU B 106 -25.85 -0.75 -5.51
C LEU B 106 -26.89 0.38 -5.40
N ASN B 107 -27.36 0.86 -6.55
CA ASN B 107 -28.37 1.93 -6.61
C ASN B 107 -29.70 1.48 -6.00
N GLU B 108 -30.63 2.42 -5.84
CA GLU B 108 -31.89 2.13 -5.18
C GLU B 108 -32.67 1.01 -5.87
N GLY B 109 -32.66 0.99 -7.20
CA GLY B 109 -33.31 -0.07 -7.95
C GLY B 109 -32.80 -1.43 -7.56
N LEU B 110 -31.48 -1.58 -7.53
CA LEU B 110 -30.84 -2.83 -7.16
C LEU B 110 -31.08 -3.18 -5.69
N ARG B 111 -31.09 -2.17 -4.82
CA ARG B 111 -31.34 -2.45 -3.40
C ARG B 111 -32.77 -2.97 -3.19
N ASN B 112 -33.72 -2.45 -3.96
CA ASN B 112 -35.08 -2.96 -3.89
C ASN B 112 -35.11 -4.43 -4.27
N LYS B 113 -34.42 -4.78 -5.35
CA LYS B 113 -34.40 -6.16 -5.84
C LYS B 113 -33.73 -7.09 -4.83
N VAL B 114 -32.68 -6.59 -4.19
CA VAL B 114 -32.01 -7.32 -3.10
C VAL B 114 -33.02 -7.68 -2.01
N VAL B 115 -33.77 -6.68 -1.57
CA VAL B 115 -34.73 -6.85 -0.50
C VAL B 115 -35.86 -7.81 -0.91
N GLU B 116 -36.39 -7.62 -2.12
CA GLU B 116 -37.46 -8.47 -2.62
C GLU B 116 -37.01 -9.92 -2.78
N GLY B 117 -35.72 -10.11 -3.06
CA GLY B 117 -35.15 -11.44 -3.25
C GLY B 117 -34.77 -12.13 -1.96
N GLY B 118 -34.97 -11.44 -0.84
CA GLY B 118 -34.67 -12.01 0.46
C GLY B 118 -33.20 -12.01 0.84
N PHE B 119 -32.40 -11.21 0.14
CA PHE B 119 -30.98 -11.13 0.44
C PHE B 119 -30.67 -10.02 1.43
N LYS B 120 -29.52 -10.14 2.08
CA LYS B 120 -28.99 -9.08 2.92
C LYS B 120 -27.66 -8.64 2.33
N VAL B 121 -27.20 -7.46 2.74
CA VAL B 121 -25.95 -6.90 2.22
C VAL B 121 -25.09 -6.38 3.36
N TRP B 122 -23.86 -6.86 3.45
CA TRP B 122 -22.89 -6.28 4.38
C TRP B 122 -21.74 -5.61 3.64
N ASP B 123 -21.49 -4.35 3.98
CA ASP B 123 -20.22 -3.73 3.64
C ASP B 123 -19.26 -4.02 4.81
N TRP B 124 -18.59 -2.99 5.34
CA TRP B 124 -17.61 -3.18 6.44
C TRP B 124 -17.44 -1.88 7.21
N THR B 125 -16.76 -1.94 8.37
CA THR B 125 -16.48 -0.74 9.14
C THR B 125 -14.97 -0.48 9.19
N ILE B 126 -14.19 -1.53 8.97
CA ILE B 126 -12.74 -1.40 8.86
C ILE B 126 -12.24 -2.02 7.56
N ASP B 127 -11.53 -1.24 6.74
CA ASP B 127 -10.86 -1.82 5.57
C ASP B 127 -9.38 -2.05 5.91
N SER B 128 -8.97 -3.32 5.92
CA SER B 128 -7.59 -3.67 6.24
C SER B 128 -6.63 -3.20 5.15
N LEU B 129 -7.17 -2.93 3.95
CA LEU B 129 -6.36 -2.60 2.75
C LEU B 129 -5.34 -3.71 2.41
N ASP B 130 -5.63 -4.95 2.79
CA ASP B 130 -4.61 -5.99 2.75
C ASP B 130 -4.09 -6.24 1.34
N TRP B 131 -4.98 -6.17 0.37
CA TRP B 131 -4.62 -6.47 -1.02
C TRP B 131 -3.63 -5.48 -1.61
N ARG B 132 -3.51 -4.30 -1.01
CA ARG B 132 -2.62 -3.29 -1.52
C ARG B 132 -1.15 -3.56 -1.15
N TYR B 133 -0.90 -4.44 -0.18
CA TYR B 133 0.47 -4.67 0.32
C TYR B 133 1.18 -5.82 -0.38
N ASN B 134 1.15 -5.83 -1.72
CA ASN B 134 1.67 -6.98 -2.46
C ASN B 134 3.04 -6.75 -3.13
N LYS B 135 3.75 -5.70 -2.73
CA LYS B 135 5.05 -5.38 -3.32
C LYS B 135 6.14 -5.31 -2.27
N MET B 136 5.92 -6.00 -1.14
CA MET B 136 6.89 -6.00 -0.07
C MET B 136 6.98 -7.39 0.58
N PRO B 137 7.99 -7.60 1.44
CA PRO B 137 8.09 -8.91 2.10
C PRO B 137 6.79 -9.27 2.81
N VAL B 138 6.43 -10.54 2.79
CA VAL B 138 5.13 -10.97 3.29
C VAL B 138 4.96 -10.65 4.78
N ASP B 139 6.02 -10.84 5.57
CA ASP B 139 5.91 -10.59 7.02
C ASP B 139 5.81 -9.09 7.33
N ALA B 140 6.54 -8.29 6.58
CA ALA B 140 6.49 -6.83 6.73
C ALA B 140 5.11 -6.31 6.33
N ALA B 141 4.56 -6.85 5.25
CA ALA B 141 3.20 -6.52 4.82
C ALA B 141 2.18 -6.89 5.90
N ALA B 142 2.25 -8.13 6.37
CA ALA B 142 1.35 -8.61 7.42
C ALA B 142 1.34 -7.71 8.65
N ALA B 143 2.52 -7.24 9.06
CA ALA B 143 2.62 -6.37 10.23
C ALA B 143 1.88 -5.05 9.99
N GLN B 144 2.03 -4.46 8.81
CA GLN B 144 1.38 -3.19 8.53
C GLN B 144 -0.14 -3.38 8.40
N ILE B 145 -0.56 -4.50 7.84
CA ILE B 145 -1.98 -4.82 7.76
C ILE B 145 -2.59 -4.99 9.17
N ALA B 146 -1.89 -5.70 10.05
CA ALA B 146 -2.38 -5.88 11.42
C ALA B 146 -2.53 -4.53 12.12
N GLN B 147 -1.56 -3.65 11.91
CA GLN B 147 -1.59 -2.31 12.48
C GLN B 147 -2.84 -1.56 11.99
N ASN B 148 -3.14 -1.66 10.70
CA ASN B 148 -4.34 -1.00 10.15
C ASN B 148 -5.60 -1.43 10.89
N VAL B 149 -5.74 -2.74 11.10
CA VAL B 149 -6.92 -3.28 11.77
C VAL B 149 -6.96 -2.92 13.25
N LEU B 150 -5.85 -3.13 13.95
CA LEU B 150 -5.82 -2.89 15.39
C LEU B 150 -6.04 -1.41 15.74
N THR B 151 -5.43 -0.51 14.97
CA THR B 151 -5.53 0.92 15.31
C THR B 151 -6.94 1.45 15.04
N ASN B 152 -7.69 0.78 14.18
CA ASN B 152 -9.02 1.26 13.82
C ASN B 152 -10.18 0.56 14.50
N ALA B 153 -9.89 -0.50 15.26
CA ALA B 153 -10.93 -1.23 15.95
C ALA B 153 -11.25 -0.56 17.29
N THR B 154 -12.25 0.32 17.27
CA THR B 154 -12.60 1.15 18.42
C THR B 154 -14.07 1.04 18.81
N LYS B 155 -14.89 0.42 17.96
CA LYS B 155 -16.33 0.37 18.20
C LYS B 155 -16.75 -0.99 18.76
N PRO B 156 -17.90 -1.04 19.45
CA PRO B 156 -18.35 -2.32 20.02
C PRO B 156 -18.60 -3.40 18.95
N GLN B 157 -18.96 -2.98 17.74
CA GLN B 157 -19.11 -3.91 16.62
C GLN B 157 -18.20 -3.48 15.48
N GLU B 158 -17.29 -4.34 15.07
CA GLU B 158 -16.44 -4.03 13.92
C GLU B 158 -16.54 -5.13 12.88
N VAL B 159 -16.73 -4.72 11.63
CA VAL B 159 -16.72 -5.66 10.52
C VAL B 159 -15.48 -5.37 9.68
N ILE B 160 -14.58 -6.33 9.62
CA ILE B 160 -13.25 -6.14 9.06
C ILE B 160 -13.13 -6.77 7.68
N LEU B 161 -12.85 -5.94 6.68
CA LEU B 161 -12.65 -6.42 5.32
C LEU B 161 -11.23 -6.93 5.11
N MET B 162 -11.10 -8.23 4.81
CA MET B 162 -9.83 -8.82 4.39
C MET B 162 -10.07 -9.73 3.19
N HIS B 163 -8.97 -10.21 2.59
CA HIS B 163 -9.06 -11.15 1.46
C HIS B 163 -8.20 -12.38 1.75
N ASP B 164 -8.79 -13.58 1.79
CA ASP B 164 -7.96 -14.74 2.15
C ASP B 164 -7.15 -15.28 0.97
N ILE B 165 -7.30 -14.65 -0.18
CA ILE B 165 -6.57 -15.07 -1.37
C ILE B 165 -5.20 -14.38 -1.52
N HIS B 166 -4.77 -13.63 -0.51
CA HIS B 166 -3.45 -13.05 -0.52
C HIS B 166 -2.63 -13.56 0.66
N PRO B 167 -1.36 -13.91 0.41
CA PRO B 167 -0.54 -14.50 1.47
C PRO B 167 -0.32 -13.54 2.64
N GLN B 168 -0.11 -12.25 2.35
CA GLN B 168 0.15 -11.30 3.42
C GLN B 168 -1.08 -11.15 4.31
N SER B 169 -2.27 -11.40 3.76
CA SER B 169 -3.50 -11.25 4.54
C SER B 169 -3.60 -12.36 5.58
N VAL B 170 -3.42 -13.59 5.13
CA VAL B 170 -3.47 -14.71 6.05
C VAL B 170 -2.35 -14.60 7.09
N ALA B 171 -1.17 -14.11 6.69
CA ALA B 171 -0.06 -13.93 7.62
C ALA B 171 -0.32 -12.87 8.69
N ALA B 172 -1.24 -11.94 8.43
CA ALA B 172 -1.58 -10.88 9.38
C ALA B 172 -2.57 -11.34 10.45
N VAL B 173 -3.30 -12.40 10.18
CA VAL B 173 -4.40 -12.78 11.07
C VAL B 173 -3.96 -13.14 12.51
N PRO B 174 -2.81 -13.82 12.69
CA PRO B 174 -2.46 -14.10 14.10
C PRO B 174 -2.27 -12.84 14.95
N ALA B 175 -1.64 -11.81 14.40
CA ALA B 175 -1.42 -10.59 15.17
C ALA B 175 -2.74 -9.87 15.40
N ILE B 176 -3.64 -9.99 14.43
CA ILE B 176 -4.97 -9.41 14.55
C ILE B 176 -5.79 -10.09 15.63
N LEU B 177 -5.79 -11.43 15.64
CA LEU B 177 -6.53 -12.17 16.66
C LEU B 177 -6.01 -11.85 18.07
N LYS B 178 -4.69 -11.83 18.22
CA LYS B 178 -4.06 -11.55 19.52
C LYS B 178 -4.37 -10.13 20.00
N GLY B 179 -4.19 -9.17 19.10
CA GLY B 179 -4.38 -7.77 19.42
C GLY B 179 -5.81 -7.38 19.79
N LEU B 180 -6.78 -7.87 19.02
CA LEU B 180 -8.17 -7.53 19.29
C LEU B 180 -8.67 -8.25 20.55
N LYS B 181 -8.12 -9.42 20.83
CA LYS B 181 -8.49 -10.12 22.07
C LYS B 181 -8.09 -9.30 23.29
N GLU B 182 -6.90 -8.70 23.24
CA GLU B 182 -6.41 -7.84 24.32
C GLU B 182 -7.28 -6.58 24.46
N LYS B 183 -7.89 -6.17 23.35
CA LYS B 183 -8.79 -5.01 23.35
C LYS B 183 -10.19 -5.38 23.80
N GLY B 184 -10.42 -6.64 24.08
CA GLY B 184 -11.70 -7.09 24.62
C GLY B 184 -12.69 -7.63 23.61
N TYR B 185 -12.26 -7.81 22.36
CA TYR B 185 -13.13 -8.34 21.32
C TYR B 185 -13.25 -9.86 21.35
N GLU B 186 -14.47 -10.36 21.09
CA GLU B 186 -14.68 -11.77 20.74
C GLU B 186 -14.79 -11.88 19.22
N PHE B 187 -14.30 -12.98 18.66
CA PHE B 187 -14.38 -13.19 17.22
C PHE B 187 -15.50 -14.14 16.85
N GLU B 188 -16.56 -13.60 16.24
CA GLU B 188 -17.72 -14.42 15.87
C GLU B 188 -18.02 -14.37 14.38
N ALA B 189 -18.65 -15.43 13.90
CA ALA B 189 -19.23 -15.45 12.57
C ALA B 189 -20.51 -14.64 12.55
N TYR B 190 -20.86 -14.13 11.37
CA TYR B 190 -22.20 -13.61 11.12
C TYR B 190 -23.25 -14.67 11.41
N HIS B 191 -24.34 -14.25 12.03
CA HIS B 191 -25.46 -15.14 12.31
C HIS B 191 -26.72 -14.54 11.67
N GLU B 192 -27.40 -15.33 10.86
CA GLU B 192 -28.56 -14.80 10.14
C GLU B 192 -29.69 -14.44 11.08
N GLU B 193 -29.84 -15.20 12.15
CA GLU B 193 -30.92 -14.96 13.09
C GLU B 193 -30.69 -13.68 13.90
N SER B 194 -29.47 -13.14 13.80
CA SER B 194 -29.07 -11.96 14.56
C SER B 194 -28.53 -10.86 13.65
N HIS B 195 -29.21 -10.62 12.53
CA HIS B 195 -28.75 -9.65 11.57
C HIS B 195 -28.84 -8.21 12.08
N PHE B 196 -27.76 -7.46 11.97
CA PHE B 196 -27.83 -6.00 12.09
C PHE B 196 -27.24 -5.42 10.82
N PRO B 197 -27.78 -4.27 10.38
CA PRO B 197 -27.38 -3.68 9.10
C PRO B 197 -26.01 -3.00 9.16
N VAL B 198 -25.23 -3.21 8.12
CA VAL B 198 -23.92 -2.59 7.95
C VAL B 198 -23.78 -2.33 6.46
N ASN B 199 -24.11 -1.11 6.03
CA ASN B 199 -23.94 -0.76 4.63
C ASN B 199 -23.85 0.74 4.43
N PHE B 200 -23.12 1.14 3.39
CA PHE B 200 -22.78 2.53 3.16
C PHE B 200 -23.98 3.39 2.79
N TRP B 201 -25.07 2.75 2.37
CA TRP B 201 -26.26 3.48 1.96
C TRP B 201 -27.14 3.84 3.14
N HIS B 202 -26.81 3.29 4.32
CA HIS B 202 -27.63 3.47 5.52
C HIS B 202 -29.07 3.00 5.25
N ASP B 203 -29.18 1.89 4.55
CA ASP B 203 -30.46 1.30 4.19
C ASP B 203 -30.70 0.12 5.13
N ASN B 204 -31.57 0.29 6.13
CA ASN B 204 -31.70 -0.73 7.17
C ASN B 204 -32.62 -1.89 6.77
N ARG B 205 -33.00 -1.92 5.50
CA ARG B 205 -33.81 -3.04 4.98
C ARG B 205 -32.92 -4.22 4.59
N MET B 206 -31.63 -3.97 4.36
CA MET B 206 -30.76 -5.07 3.92
C MET B 206 -29.62 -5.32 4.90
N ARG C 1 -12.25 21.00 30.54
CA ARG C 1 -13.41 21.43 29.75
C ARG C 1 -13.81 20.37 28.73
N LYS C 2 -14.85 19.63 29.06
CA LYS C 2 -15.43 18.65 28.13
C LYS C 2 -16.47 19.32 27.23
N VAL C 3 -16.34 19.14 25.93
CA VAL C 3 -17.30 19.70 25.00
C VAL C 3 -17.86 18.62 24.07
N ALA C 4 -19.18 18.57 23.97
CA ALA C 4 -19.86 17.68 23.04
C ALA C 4 -20.45 18.48 21.89
N TYR C 5 -20.08 18.14 20.67
CA TYR C 5 -20.63 18.81 19.49
C TYR C 5 -21.65 17.93 18.82
N LEU C 6 -22.92 18.22 19.06
CA LEU C 6 -23.98 17.51 18.36
C LEU C 6 -24.02 18.03 16.93
N THR C 7 -23.93 17.12 15.96
CA THR C 7 -24.07 17.53 14.55
C THR C 7 -25.23 16.78 13.91
N PHE C 8 -25.99 17.52 13.10
CA PHE C 8 -27.20 17.00 12.46
C PHE C 8 -27.10 17.17 10.95
N ASP C 9 -27.15 16.05 10.24
CA ASP C 9 -26.96 16.01 8.79
C ASP C 9 -28.27 15.86 8.04
N ASP C 10 -28.25 16.30 6.79
CA ASP C 10 -29.23 15.98 5.75
C ASP C 10 -30.50 16.84 5.78
N GLY C 11 -30.58 17.80 6.70
CA GLY C 11 -31.76 18.65 6.82
C GLY C 11 -31.70 19.96 6.03
N PRO C 12 -32.60 20.90 6.34
CA PRO C 12 -33.66 20.74 7.34
C PRO C 12 -34.80 19.80 6.89
N GLY C 13 -35.68 19.49 7.84
CA GLY C 13 -36.81 18.63 7.56
C GLY C 13 -37.94 18.86 8.54
N LYS C 14 -38.93 17.98 8.53
CA LYS C 14 -40.16 18.21 9.27
C LYS C 14 -40.06 17.96 10.78
N TYR C 15 -38.91 17.48 11.25
CA TYR C 15 -38.71 17.28 12.69
C TYR C 15 -37.75 18.31 13.27
N THR C 16 -37.27 19.21 12.42
CA THR C 16 -36.20 20.11 12.82
C THR C 16 -36.71 21.21 13.77
N ALA C 17 -37.93 21.69 13.57
CA ALA C 17 -38.49 22.68 14.48
C ALA C 17 -38.59 22.09 15.89
N GLU C 18 -39.06 20.85 15.98
CA GLU C 18 -39.11 20.12 17.25
C GLU C 18 -37.73 20.05 17.89
N LEU C 19 -36.73 19.70 17.09
CA LEU C 19 -35.35 19.59 17.59
C LEU C 19 -34.85 20.92 18.15
N LEU C 20 -35.08 22.00 17.42
CA LEU C 20 -34.68 23.33 17.86
C LEU C 20 -35.33 23.73 19.18
N ASN C 21 -36.58 23.33 19.37
CA ASN C 21 -37.29 23.58 20.63
C ASN C 21 -36.61 22.86 21.78
N THR C 22 -36.26 21.59 21.55
CA THR C 22 -35.57 20.77 22.54
C THR C 22 -34.20 21.36 22.92
N LEU C 23 -33.46 21.81 21.91
CA LEU C 23 -32.14 22.41 22.15
C LEU C 23 -32.25 23.69 22.97
N LYS C 24 -33.26 24.50 22.67
CA LYS C 24 -33.47 25.77 23.36
C LYS C 24 -33.79 25.54 24.84
N GLN C 25 -34.59 24.53 25.13
CA GLN C 25 -34.98 24.21 26.52
C GLN C 25 -33.81 23.77 27.39
N HIS C 26 -32.86 23.06 26.78
CA HIS C 26 -31.70 22.56 27.52
C HIS C 26 -30.53 23.53 27.45
N ASP C 27 -30.77 24.69 26.84
CA ASP C 27 -29.73 25.69 26.58
C ASP C 27 -28.53 25.08 25.86
N ALA C 28 -28.80 24.16 24.94
CA ALA C 28 -27.75 23.51 24.18
C ALA C 28 -27.58 24.16 22.80
N LYS C 29 -26.35 24.21 22.33
CA LYS C 29 -26.04 24.72 21.00
C LYS C 29 -25.46 23.59 20.15
N ALA C 30 -25.83 23.55 18.87
CA ALA C 30 -25.45 22.42 18.02
C ALA C 30 -25.00 22.88 16.64
N THR C 31 -24.77 21.91 15.76
CA THR C 31 -24.27 22.19 14.43
C THR C 31 -25.13 21.45 13.40
N PHE C 32 -25.48 22.14 12.32
CA PHE C 32 -26.34 21.59 11.28
C PHE C 32 -25.65 21.62 9.93
N PHE C 33 -25.61 20.47 9.26
CA PHE C 33 -25.04 20.41 7.92
C PHE C 33 -26.16 20.14 6.91
N LEU C 34 -26.43 21.13 6.07
CA LEU C 34 -27.66 21.16 5.29
C LEU C 34 -27.43 20.80 3.82
N ILE C 35 -28.41 20.10 3.24
CA ILE C 35 -28.41 19.81 1.82
C ILE C 35 -29.11 20.93 1.04
N GLY C 36 -28.51 21.35 -0.07
CA GLY C 36 -29.00 22.46 -0.88
C GLY C 36 -30.49 22.46 -1.17
N ALA C 37 -31.01 21.31 -1.59
CA ALA C 37 -32.42 21.17 -1.93
C ALA C 37 -33.32 21.48 -0.75
N ASN C 38 -32.86 21.11 0.44
CA ASN C 38 -33.64 21.37 1.65
C ASN C 38 -33.48 22.79 2.15
N VAL C 39 -32.35 23.42 1.87
CA VAL C 39 -32.21 24.86 2.14
C VAL C 39 -33.25 25.62 1.33
N LYS C 40 -33.42 25.22 0.07
CA LYS C 40 -34.40 25.86 -0.79
C LYS C 40 -35.82 25.60 -0.30
N GLU C 41 -36.06 24.40 0.21
CA GLU C 41 -37.41 24.03 0.65
C GLU C 41 -37.75 24.64 2.01
N PHE C 42 -36.76 24.79 2.88
CA PHE C 42 -37.01 25.20 4.27
C PHE C 42 -36.24 26.43 4.74
N PRO C 43 -36.41 27.58 4.05
CA PRO C 43 -35.62 28.77 4.42
C PRO C 43 -35.87 29.27 5.85
N ASP C 44 -37.11 29.19 6.33
CA ASP C 44 -37.41 29.64 7.69
C ASP C 44 -36.60 28.85 8.73
N LEU C 45 -36.51 27.54 8.54
CA LEU C 45 -35.75 26.69 9.46
C LEU C 45 -34.25 27.03 9.42
N VAL C 46 -33.74 27.33 8.23
CA VAL C 46 -32.33 27.70 8.09
C VAL C 46 -32.07 28.99 8.85
N LYS C 47 -32.96 29.95 8.70
CA LYS C 47 -32.85 31.22 9.40
C LYS C 47 -32.90 31.00 10.90
N ARG C 48 -33.76 30.08 11.34
CA ARG C 48 -33.97 29.87 12.76
C ARG C 48 -32.78 29.16 13.41
N GLU C 49 -32.15 28.24 12.66
CA GLU C 49 -31.00 27.52 13.16
C GLU C 49 -29.89 28.50 13.52
N ASN C 50 -29.61 29.41 12.60
CA ASN C 50 -28.61 30.44 12.84
C ASN C 50 -29.08 31.42 13.90
N ALA C 51 -30.34 31.82 13.85
CA ALA C 51 -30.85 32.82 14.80
C ALA C 51 -30.78 32.34 16.24
N GLU C 52 -30.78 31.03 16.45
CA GLU C 52 -30.83 30.54 17.83
C GLU C 52 -29.46 30.02 18.30
N GLY C 53 -28.40 30.45 17.61
CA GLY C 53 -27.05 30.24 18.09
C GLY C 53 -26.35 28.97 17.62
N HIS C 54 -26.96 28.26 16.67
CA HIS C 54 -26.35 27.05 16.15
C HIS C 54 -25.51 27.37 14.92
N TYR C 55 -24.50 26.56 14.65
CA TYR C 55 -23.71 26.71 13.44
C TYR C 55 -24.42 26.06 12.27
N VAL C 56 -24.43 26.76 11.13
CA VAL C 56 -25.01 26.22 9.91
C VAL C 56 -23.91 26.01 8.86
N GLY C 57 -23.68 24.75 8.46
CA GLY C 57 -22.69 24.43 7.45
C GLY C 57 -23.25 23.64 6.27
N MET C 58 -22.38 23.18 5.38
CA MET C 58 -22.81 22.58 4.12
C MET C 58 -22.70 21.05 4.09
N HIS C 59 -23.69 20.40 3.47
CA HIS C 59 -23.68 18.95 3.30
C HIS C 59 -23.89 18.55 1.82
N SER C 60 -23.59 19.50 0.92
CA SER C 60 -23.62 19.36 -0.55
C SER C 60 -24.99 19.65 -1.17
N MET C 61 -25.04 19.62 -2.51
CA MET C 61 -26.29 19.78 -3.25
C MET C 61 -26.98 18.44 -3.54
N THR C 62 -26.22 17.47 -4.02
CA THR C 62 -26.83 16.23 -4.51
C THR C 62 -26.72 15.05 -3.56
N HIS C 63 -25.80 15.13 -2.60
CA HIS C 63 -25.50 14.00 -1.70
C HIS C 63 -25.21 12.74 -2.52
N ASN C 64 -24.68 12.93 -3.74
CA ASN C 64 -24.42 11.87 -4.71
C ASN C 64 -22.94 11.50 -4.72
N PHE C 65 -22.62 10.29 -4.23
CA PHE C 65 -21.24 9.84 -4.08
C PHE C 65 -20.42 9.91 -5.38
N ALA C 66 -21.02 9.49 -6.49
CA ALA C 66 -20.32 9.46 -7.77
C ALA C 66 -19.99 10.86 -8.27
N LYS C 67 -20.93 11.80 -8.10
CA LYS C 67 -20.70 13.16 -8.55
C LYS C 67 -19.67 13.87 -7.67
N LEU C 68 -19.77 13.65 -6.37
CA LEU C 68 -18.95 14.38 -5.41
C LEU C 68 -17.49 13.98 -5.47
N TYR C 69 -17.22 12.68 -5.56
CA TYR C 69 -15.85 12.20 -5.37
C TYR C 69 -15.22 11.77 -6.68
N LYS C 70 -15.77 10.74 -7.32
CA LYS C 70 -15.23 10.28 -8.59
C LYS C 70 -15.23 11.37 -9.67
N ASN C 71 -16.35 12.09 -9.82
CA ASN C 71 -16.41 13.16 -10.81
C ASN C 71 -15.87 14.50 -10.30
N GLY C 72 -15.47 14.53 -9.03
CA GLY C 72 -14.76 15.66 -8.46
C GLY C 72 -15.55 16.93 -8.22
N GLU C 73 -16.86 16.82 -8.00
CA GLU C 73 -17.71 18.01 -7.85
C GLU C 73 -17.84 18.50 -6.41
N TYR C 74 -17.19 17.81 -5.46
CA TYR C 74 -17.33 18.12 -4.04
C TYR C 74 -17.28 19.62 -3.75
N VAL C 75 -16.21 20.29 -4.19
CA VAL C 75 -16.03 21.70 -3.87
C VAL C 75 -17.05 22.58 -4.59
N ASN C 76 -17.32 22.27 -5.85
CA ASN C 76 -18.35 23.01 -6.58
C ASN C 76 -19.69 22.96 -5.87
N GLU C 77 -20.07 21.77 -5.39
CA GLU C 77 -21.34 21.60 -4.70
C GLU C 77 -21.37 22.28 -3.34
N MET C 78 -20.27 22.20 -2.61
CA MET C 78 -20.20 22.92 -1.33
C MET C 78 -20.27 24.45 -1.53
N LYS C 79 -19.62 24.95 -2.58
CA LYS C 79 -19.67 26.38 -2.89
C LYS C 79 -21.09 26.84 -3.21
N GLU C 80 -21.79 26.04 -4.02
CA GLU C 80 -23.16 26.37 -4.40
C GLU C 80 -24.06 26.36 -3.17
N ASP C 81 -23.92 25.32 -2.35
CA ASP C 81 -24.69 25.19 -1.12
C ASP C 81 -24.40 26.39 -0.20
N GLN C 82 -23.13 26.77 -0.14
CA GLN C 82 -22.69 27.90 0.67
C GLN C 82 -23.42 29.19 0.30
N GLY C 83 -23.61 29.41 -1.00
CA GLY C 83 -24.26 30.62 -1.49
C GLY C 83 -25.75 30.65 -1.15
N LEU C 84 -26.39 29.50 -1.19
CA LEU C 84 -27.81 29.38 -0.81
C LEU C 84 -27.97 29.72 0.66
N ILE C 85 -27.04 29.26 1.47
CA ILE C 85 -27.12 29.49 2.91
C ILE C 85 -26.84 30.96 3.21
N ALA C 86 -25.82 31.50 2.55
CA ALA C 86 -25.47 32.92 2.74
C ALA C 86 -26.62 33.86 2.35
N ASN C 87 -27.42 33.47 1.36
CA ASN C 87 -28.57 34.31 0.98
C ASN C 87 -29.59 34.45 2.11
N ILE C 88 -29.58 33.49 3.02
CA ILE C 88 -30.50 33.51 4.15
C ILE C 88 -29.89 34.08 5.43
N ILE C 89 -28.72 33.59 5.84
CA ILE C 89 -28.16 33.97 7.14
C ILE C 89 -27.13 35.10 7.06
N GLY C 90 -26.78 35.53 5.86
CA GLY C 90 -25.95 36.70 5.68
C GLY C 90 -24.47 36.55 5.97
N LYS C 91 -23.97 35.32 5.85
CA LYS C 91 -22.54 35.08 5.96
C LYS C 91 -22.26 33.78 5.23
N SER C 92 -21.01 33.56 4.82
CA SER C 92 -20.64 32.35 4.10
C SER C 92 -19.89 31.37 4.99
N PRO C 93 -20.56 30.29 5.40
CA PRO C 93 -19.97 29.28 6.28
C PRO C 93 -18.79 28.60 5.61
N LYS C 94 -17.78 28.21 6.38
CA LYS C 94 -16.63 27.56 5.77
C LYS C 94 -16.61 26.05 6.01
N LEU C 95 -17.35 25.57 7.01
CA LEU C 95 -17.25 24.15 7.38
C LEU C 95 -18.16 23.25 6.55
N THR C 96 -17.58 22.21 5.96
CA THR C 96 -18.35 21.23 5.23
C THR C 96 -18.32 19.88 5.94
N ARG C 97 -19.38 19.11 5.77
CA ARG C 97 -19.47 17.73 6.28
C ARG C 97 -19.68 16.84 5.07
N PRO C 98 -18.70 15.96 4.78
CA PRO C 98 -18.78 15.12 3.58
C PRO C 98 -19.92 14.11 3.65
N PRO C 99 -20.77 14.08 2.61
CA PRO C 99 -21.71 12.96 2.52
C PRO C 99 -20.95 11.65 2.55
N TYR C 100 -21.41 10.71 3.39
CA TYR C 100 -20.77 9.41 3.57
C TYR C 100 -19.37 9.50 4.17
N GLY C 101 -19.01 10.67 4.71
CA GLY C 101 -17.68 10.84 5.28
C GLY C 101 -16.56 11.00 4.26
N SER C 102 -15.42 11.49 4.69
CA SER C 102 -14.33 11.86 3.77
C SER C 102 -13.52 10.65 3.25
N MET C 103 -13.70 9.50 3.87
CA MET C 103 -12.84 8.34 3.65
C MET C 103 -13.61 7.18 3.00
N PRO C 104 -13.27 6.82 1.75
CA PRO C 104 -12.10 7.26 0.99
C PRO C 104 -12.35 8.28 -0.12
N GLY C 105 -13.58 8.77 -0.22
CA GLY C 105 -13.98 9.68 -1.29
C GLY C 105 -13.14 10.91 -1.50
N LEU C 106 -12.76 11.57 -0.41
CA LEU C 106 -12.05 12.84 -0.53
C LEU C 106 -10.56 12.62 -0.75
N ASN C 107 -10.17 12.34 -2.00
CA ASN C 107 -8.79 11.98 -2.34
C ASN C 107 -7.85 13.19 -2.26
N GLU C 108 -6.55 12.98 -2.42
CA GLU C 108 -5.60 14.07 -2.19
C GLU C 108 -5.85 15.30 -3.07
N GLY C 109 -6.25 15.09 -4.32
CA GLY C 109 -6.58 16.21 -5.19
C GLY C 109 -7.76 17.06 -4.71
N LEU C 110 -8.81 16.39 -4.24
CA LEU C 110 -9.98 17.10 -3.73
C LEU C 110 -9.65 17.81 -2.43
N ARG C 111 -8.80 17.22 -1.58
CA ARG C 111 -8.45 17.89 -0.32
C ARG C 111 -7.71 19.19 -0.62
N ASN C 112 -6.85 19.18 -1.65
CA ASN C 112 -6.19 20.43 -2.04
C ASN C 112 -7.20 21.49 -2.48
N LYS C 113 -8.21 21.06 -3.26
CA LYS C 113 -9.23 22.01 -3.72
C LYS C 113 -10.07 22.56 -2.56
N VAL C 114 -10.36 21.72 -1.58
CA VAL C 114 -11.03 22.15 -0.35
C VAL C 114 -10.22 23.25 0.34
N VAL C 115 -8.93 22.98 0.56
CA VAL C 115 -8.04 23.96 1.18
C VAL C 115 -7.93 25.23 0.35
N GLU C 116 -7.78 25.07 -0.96
CA GLU C 116 -7.68 26.22 -1.86
C GLU C 116 -8.96 27.05 -1.92
N GLY C 117 -10.11 26.41 -1.71
CA GLY C 117 -11.38 27.12 -1.71
C GLY C 117 -11.68 27.78 -0.38
N GLY C 118 -10.81 27.58 0.60
CA GLY C 118 -11.02 28.15 1.92
C GLY C 118 -12.05 27.41 2.76
N PHE C 119 -12.27 26.14 2.44
CA PHE C 119 -13.20 25.30 3.18
C PHE C 119 -12.51 24.42 4.21
N LYS C 120 -13.28 24.06 5.24
CA LYS C 120 -12.85 23.08 6.23
C LYS C 120 -13.74 21.85 6.08
N VAL C 121 -13.30 20.74 6.66
CA VAL C 121 -14.03 19.48 6.58
C VAL C 121 -14.13 18.85 7.96
N TRP C 122 -15.35 18.57 8.42
CA TRP C 122 -15.52 17.80 9.65
C TRP C 122 -16.18 16.47 9.39
N ASP C 123 -15.53 15.41 9.83
CA ASP C 123 -16.19 14.12 9.92
C ASP C 123 -16.77 14.03 11.34
N TRP C 124 -16.59 12.91 12.02
CA TRP C 124 -17.13 12.76 13.38
C TRP C 124 -16.31 11.80 14.22
N THR C 125 -16.57 11.79 15.53
CA THR C 125 -15.90 10.86 16.44
C THR C 125 -16.85 9.80 17.01
N ILE C 126 -18.14 10.10 16.99
CA ILE C 126 -19.18 9.16 17.43
C ILE C 126 -20.32 9.07 16.42
N ASP C 127 -20.55 7.87 15.91
CA ASP C 127 -21.66 7.60 15.02
C ASP C 127 -22.82 7.09 15.87
N SER C 128 -23.94 7.80 15.87
CA SER C 128 -25.09 7.42 16.68
C SER C 128 -25.80 6.17 16.15
N LEU C 129 -25.51 5.83 14.90
CA LEU C 129 -26.11 4.69 14.19
C LEU C 129 -27.63 4.82 14.11
N ASP C 130 -28.12 6.05 14.04
CA ASP C 130 -29.57 6.28 14.17
C ASP C 130 -30.35 5.70 12.99
N TRP C 131 -29.72 5.63 11.82
CA TRP C 131 -30.35 5.08 10.62
C TRP C 131 -30.74 3.60 10.75
N ARG C 132 -30.08 2.87 11.64
CA ARG C 132 -30.39 1.46 11.84
C ARG C 132 -31.84 1.25 12.25
N TYR C 133 -32.39 2.22 12.99
CA TYR C 133 -33.68 2.06 13.64
C TYR C 133 -34.80 2.77 12.89
N ASN C 134 -34.55 3.10 11.62
CA ASN C 134 -35.58 3.71 10.77
C ASN C 134 -36.84 2.87 10.72
N LYS C 135 -37.98 3.56 10.84
CA LYS C 135 -39.30 2.94 10.76
C LYS C 135 -39.60 1.97 11.89
N MET C 136 -38.70 1.88 12.87
CA MET C 136 -38.97 1.08 14.07
C MET C 136 -39.69 1.95 15.11
N PRO C 137 -40.41 1.33 16.06
CA PRO C 137 -41.11 2.08 17.11
C PRO C 137 -40.20 3.09 17.81
N VAL C 138 -40.59 4.36 17.73
CA VAL C 138 -39.70 5.49 18.03
C VAL C 138 -39.13 5.50 19.44
N ASP C 139 -39.97 5.23 20.44
CA ASP C 139 -39.51 5.30 21.83
C ASP C 139 -38.33 4.36 22.11
N ALA C 140 -38.46 3.09 21.74
CA ALA C 140 -37.38 2.13 21.96
C ALA C 140 -36.16 2.45 21.10
N ALA C 141 -36.40 2.97 19.89
CA ALA C 141 -35.31 3.32 18.99
C ALA C 141 -34.48 4.46 19.58
N ALA C 142 -35.17 5.49 20.05
CA ALA C 142 -34.51 6.69 20.61
C ALA C 142 -33.63 6.34 21.80
N ALA C 143 -34.10 5.44 22.66
CA ALA C 143 -33.35 5.07 23.86
C ALA C 143 -32.08 4.31 23.47
N GLN C 144 -32.18 3.49 22.44
CA GLN C 144 -31.02 2.75 21.94
C GLN C 144 -29.99 3.70 21.37
N ILE C 145 -30.49 4.69 20.63
CA ILE C 145 -29.62 5.68 20.00
C ILE C 145 -28.89 6.46 21.08
N ALA C 146 -29.63 6.85 22.11
CA ALA C 146 -29.03 7.55 23.24
C ALA C 146 -27.90 6.70 23.82
N GLN C 147 -28.18 5.42 24.02
CA GLN C 147 -27.20 4.47 24.52
C GLN C 147 -25.94 4.40 23.64
N ASN C 148 -26.15 4.33 22.32
CA ASN C 148 -25.04 4.30 21.36
C ASN C 148 -24.09 5.48 21.56
N VAL C 149 -24.68 6.66 21.79
CA VAL C 149 -23.91 7.88 21.96
C VAL C 149 -23.28 7.94 23.34
N LEU C 150 -24.06 7.67 24.38
CA LEU C 150 -23.60 7.83 25.76
C LEU C 150 -22.42 6.93 26.10
N THR C 151 -22.47 5.68 25.63
CA THR C 151 -21.46 4.70 25.98
C THR C 151 -20.17 4.87 25.17
N ASN C 152 -20.22 5.70 24.13
CA ASN C 152 -19.04 5.95 23.31
C ASN C 152 -18.38 7.31 23.61
N ALA C 153 -19.03 8.11 24.45
CA ALA C 153 -18.51 9.43 24.81
C ALA C 153 -17.44 9.31 25.90
N THR C 154 -16.18 9.25 25.48
CA THR C 154 -15.07 8.99 26.40
C THR C 154 -13.98 10.07 26.39
N LYS C 155 -13.92 10.85 25.32
CA LYS C 155 -12.87 11.85 25.12
C LYS C 155 -13.38 13.26 25.46
N PRO C 156 -12.45 14.17 25.80
CA PRO C 156 -12.80 15.57 26.14
C PRO C 156 -13.58 16.30 25.06
N GLN C 157 -13.26 16.01 23.80
CA GLN C 157 -14.03 16.53 22.67
C GLN C 157 -14.67 15.39 21.91
N GLU C 158 -15.98 15.44 21.73
CA GLU C 158 -16.67 14.45 20.91
C GLU C 158 -17.55 15.16 19.87
N VAL C 159 -17.47 14.68 18.63
CA VAL C 159 -18.30 15.16 17.55
C VAL C 159 -19.27 14.05 17.16
N ILE C 160 -20.54 14.28 17.43
CA ILE C 160 -21.56 13.26 17.30
C ILE C 160 -22.37 13.41 16.03
N LEU C 161 -22.43 12.33 15.25
CA LEU C 161 -23.15 12.30 14.00
C LEU C 161 -24.57 11.82 14.25
N MET C 162 -25.54 12.69 13.94
CA MET C 162 -26.95 12.31 13.90
C MET C 162 -27.60 12.90 12.64
N HIS C 163 -28.82 12.47 12.33
CA HIS C 163 -29.56 13.02 11.21
C HIS C 163 -30.91 13.53 11.69
N ASP C 164 -31.17 14.83 11.56
CA ASP C 164 -32.41 15.36 12.13
C ASP C 164 -33.63 15.09 11.26
N ILE C 165 -33.42 14.42 10.14
CA ILE C 165 -34.54 14.01 9.28
C ILE C 165 -35.16 12.70 9.75
N HIS C 166 -34.52 12.03 10.71
CA HIS C 166 -35.10 10.83 11.30
C HIS C 166 -35.81 11.20 12.60
N PRO C 167 -37.05 10.74 12.77
CA PRO C 167 -37.80 11.07 14.00
C PRO C 167 -37.19 10.45 15.25
N GLN C 168 -36.61 9.26 15.12
CA GLN C 168 -36.07 8.58 16.30
C GLN C 168 -34.81 9.29 16.79
N SER C 169 -34.08 9.95 15.89
CA SER C 169 -32.90 10.73 16.27
C SER C 169 -33.30 11.94 17.12
N VAL C 170 -34.28 12.70 16.65
CA VAL C 170 -34.73 13.87 17.38
C VAL C 170 -35.28 13.44 18.75
N ALA C 171 -35.96 12.30 18.78
CA ALA C 171 -36.53 11.79 20.03
C ALA C 171 -35.46 11.35 21.02
N ALA C 172 -34.29 11.01 20.48
CA ALA C 172 -33.16 10.53 21.28
C ALA C 172 -32.42 11.66 21.99
N VAL C 173 -32.57 12.88 21.48
CA VAL C 173 -31.76 14.02 21.94
C VAL C 173 -31.95 14.40 23.43
N PRO C 174 -33.20 14.42 23.95
CA PRO C 174 -33.33 14.70 25.39
C PRO C 174 -32.46 13.79 26.29
N ALA C 175 -32.46 12.50 26.01
CA ALA C 175 -31.68 11.55 26.81
C ALA C 175 -30.18 11.75 26.61
N ILE C 176 -29.78 12.10 25.39
CA ILE C 176 -28.38 12.37 25.09
C ILE C 176 -27.89 13.60 25.86
N LEU C 177 -28.73 14.63 25.94
CA LEU C 177 -28.37 15.87 26.62
C LEU C 177 -28.22 15.68 28.12
N LYS C 178 -29.21 15.03 28.74
CA LYS C 178 -29.14 14.74 30.16
C LYS C 178 -27.95 13.83 30.48
N GLY C 179 -27.73 12.82 29.63
CA GLY C 179 -26.67 11.86 29.85
C GLY C 179 -25.27 12.41 29.71
N LEU C 180 -25.04 13.22 28.68
CA LEU C 180 -23.73 13.80 28.46
C LEU C 180 -23.46 14.95 29.44
N LYS C 181 -24.53 15.60 29.90
CA LYS C 181 -24.41 16.62 30.94
C LYS C 181 -23.94 15.98 32.24
N GLU C 182 -24.43 14.79 32.52
CA GLU C 182 -24.01 14.02 33.70
C GLU C 182 -22.53 13.72 33.62
N LYS C 183 -22.06 13.37 32.43
CA LYS C 183 -20.66 13.03 32.23
C LYS C 183 -19.75 14.27 32.25
N GLY C 184 -20.34 15.45 32.40
CA GLY C 184 -19.58 16.67 32.50
C GLY C 184 -19.31 17.38 31.18
N TYR C 185 -20.10 17.09 30.17
CA TYR C 185 -19.96 17.75 28.87
C TYR C 185 -20.82 19.01 28.77
N GLU C 186 -20.27 20.04 28.14
CA GLU C 186 -21.06 21.18 27.69
C GLU C 186 -21.40 20.99 26.22
N PHE C 187 -22.53 21.53 25.79
CA PHE C 187 -22.96 21.39 24.39
C PHE C 187 -22.78 22.67 23.60
N GLU C 188 -21.81 22.67 22.71
CA GLU C 188 -21.51 23.87 21.93
C GLU C 188 -21.66 23.64 20.43
N ALA C 189 -21.90 24.72 19.72
CA ALA C 189 -21.84 24.74 18.27
C ALA C 189 -20.39 24.84 17.82
N TYR C 190 -20.12 24.40 16.60
CA TYR C 190 -18.84 24.68 15.96
C TYR C 190 -18.65 26.19 15.86
N HIS C 191 -17.42 26.63 16.06
CA HIS C 191 -17.06 28.06 15.96
C HIS C 191 -15.87 28.17 15.01
N GLU C 192 -16.02 28.92 13.92
CA GLU C 192 -14.97 28.94 12.88
C GLU C 192 -13.65 29.48 13.41
N GLU C 193 -13.74 30.43 14.34
CA GLU C 193 -12.55 31.03 14.94
C GLU C 193 -11.85 30.07 15.91
N SER C 194 -12.49 28.95 16.20
CA SER C 194 -11.95 27.94 17.13
C SER C 194 -11.82 26.59 16.44
N HIS C 195 -11.55 26.61 15.15
CA HIS C 195 -11.43 25.35 14.41
C HIS C 195 -10.33 24.44 14.94
N PHE C 196 -10.62 23.15 14.99
CA PHE C 196 -9.61 22.13 15.20
C PHE C 196 -9.96 20.94 14.30
N PRO C 197 -8.94 20.25 13.78
CA PRO C 197 -9.16 19.18 12.80
C PRO C 197 -9.96 18.01 13.35
N VAL C 198 -11.01 17.62 12.63
CA VAL C 198 -11.73 16.38 12.91
C VAL C 198 -12.04 15.72 11.57
N ASN C 199 -11.10 14.96 11.03
CA ASN C 199 -11.36 14.29 9.78
C ASN C 199 -10.58 12.99 9.65
N PHE C 200 -11.17 12.04 8.95
CA PHE C 200 -10.65 10.66 8.85
C PHE C 200 -9.27 10.57 8.20
N TRP C 201 -8.89 11.60 7.45
CA TRP C 201 -7.59 11.58 6.79
C TRP C 201 -6.47 12.08 7.70
N HIS C 202 -6.86 12.58 8.87
CA HIS C 202 -5.95 13.31 9.75
C HIS C 202 -5.18 14.39 8.96
N ASP C 203 -5.90 15.08 8.07
CA ASP C 203 -5.31 16.15 7.29
C ASP C 203 -5.48 17.45 8.05
N ASN C 204 -4.41 17.96 8.66
CA ASN C 204 -4.57 19.11 9.55
C ASN C 204 -4.76 20.46 8.85
N ARG C 205 -4.75 20.44 7.52
CA ARG C 205 -5.05 21.66 6.75
C ARG C 205 -6.56 21.89 6.65
N MET C 206 -7.35 20.86 6.95
CA MET C 206 -8.80 20.86 6.80
C MET C 206 -9.53 21.00 8.14
N ARG D 1 31.74 5.30 6.88
CA ARG D 1 31.04 6.39 6.22
C ARG D 1 29.81 5.91 5.47
N LYS D 2 28.63 6.30 5.95
CA LYS D 2 27.38 5.87 5.34
C LYS D 2 26.63 7.08 4.79
N VAL D 3 26.15 6.96 3.57
CA VAL D 3 25.43 8.06 2.95
C VAL D 3 24.07 7.59 2.45
N ALA D 4 23.03 8.34 2.81
CA ALA D 4 21.70 8.11 2.29
C ALA D 4 21.35 9.18 1.27
N TYR D 5 20.98 8.75 0.07
CA TYR D 5 20.56 9.67 -0.98
C TYR D 5 19.04 9.62 -1.11
N LEU D 6 18.35 10.55 -0.46
CA LEU D 6 16.91 10.70 -0.65
C LEU D 6 16.72 11.22 -2.07
N THR D 7 15.84 10.59 -2.84
CA THR D 7 15.55 11.08 -4.20
C THR D 7 14.05 11.22 -4.34
N PHE D 8 13.61 12.38 -4.81
CA PHE D 8 12.20 12.68 -4.94
C PHE D 8 11.80 12.87 -6.40
N ASP D 9 10.85 12.06 -6.86
CA ASP D 9 10.41 12.03 -8.28
C ASP D 9 9.08 12.71 -8.51
N ASP D 10 8.87 13.12 -9.76
CA ASP D 10 7.58 13.52 -10.34
C ASP D 10 7.20 14.99 -10.07
N GLY D 11 8.02 15.73 -9.33
CA GLY D 11 7.70 17.11 -8.96
C GLY D 11 8.25 18.16 -9.91
N PRO D 12 8.26 19.43 -9.47
CA PRO D 12 7.78 19.86 -8.15
C PRO D 12 6.25 19.83 -8.04
N GLY D 13 5.76 20.02 -6.82
CA GLY D 13 4.33 20.18 -6.64
C GLY D 13 3.99 20.92 -5.37
N LYS D 14 2.76 20.75 -4.91
CA LYS D 14 2.23 21.59 -3.86
C LYS D 14 2.75 21.26 -2.45
N TYR D 15 3.55 20.21 -2.32
CA TYR D 15 4.11 19.83 -1.02
C TYR D 15 5.60 20.06 -0.98
N THR D 16 6.16 20.54 -2.09
CA THR D 16 7.61 20.62 -2.23
C THR D 16 8.23 21.72 -1.35
N ALA D 17 7.55 22.85 -1.20
CA ALA D 17 8.06 23.92 -0.34
C ALA D 17 8.19 23.41 1.09
N GLU D 18 7.19 22.67 1.55
CA GLU D 18 7.21 22.12 2.91
C GLU D 18 8.36 21.12 3.07
N LEU D 19 8.53 20.27 2.07
CA LEU D 19 9.64 19.30 2.07
C LEU D 19 10.98 20.01 2.15
N LEU D 20 11.18 21.03 1.31
CA LEU D 20 12.42 21.83 1.34
C LEU D 20 12.67 22.42 2.73
N ASN D 21 11.62 22.91 3.38
CA ASN D 21 11.78 23.46 4.73
C ASN D 21 12.19 22.37 5.74
N THR D 22 11.57 21.22 5.63
CA THR D 22 11.94 20.07 6.48
C THR D 22 13.40 19.67 6.29
N LEU D 23 13.86 19.62 5.05
CA LEU D 23 15.26 19.26 4.78
C LEU D 23 16.22 20.29 5.35
N LYS D 24 15.88 21.58 5.15
CA LYS D 24 16.66 22.70 5.70
C LYS D 24 16.72 22.62 7.24
N GLN D 25 15.59 22.28 7.84
CA GLN D 25 15.47 22.16 9.29
C GLN D 25 16.41 21.11 9.88
N HIS D 26 16.64 20.03 9.14
CA HIS D 26 17.55 18.96 9.57
C HIS D 26 18.92 19.01 8.89
N ASP D 27 19.21 20.12 8.21
CA ASP D 27 20.43 20.28 7.40
C ASP D 27 20.76 19.07 6.51
N ALA D 28 19.71 18.50 5.92
CA ALA D 28 19.81 17.39 4.97
C ALA D 28 19.81 17.89 3.53
N LYS D 29 20.63 17.26 2.68
CA LYS D 29 20.61 17.53 1.24
C LYS D 29 20.08 16.32 0.50
N ALA D 30 19.40 16.55 -0.62
CA ALA D 30 18.69 15.52 -1.33
C ALA D 30 18.77 15.76 -2.82
N THR D 31 18.04 14.93 -3.55
CA THR D 31 18.08 14.89 -5.00
C THR D 31 16.66 14.88 -5.53
N PHE D 32 16.38 15.74 -6.50
CA PHE D 32 15.06 15.87 -7.07
C PHE D 32 15.09 15.55 -8.56
N PHE D 33 14.20 14.67 -9.01
CA PHE D 33 14.06 14.34 -10.43
C PHE D 33 12.73 14.85 -10.97
N LEU D 34 12.79 15.85 -11.84
CA LEU D 34 11.61 16.65 -12.17
C LEU D 34 11.00 16.33 -13.52
N ILE D 35 9.68 16.48 -13.58
CA ILE D 35 8.93 16.33 -14.83
C ILE D 35 8.78 17.69 -15.51
N GLY D 36 9.00 17.75 -16.82
CA GLY D 36 9.03 19.03 -17.52
C GLY D 36 7.84 19.95 -17.30
N ALA D 37 6.63 19.39 -17.34
CA ALA D 37 5.42 20.18 -17.13
C ALA D 37 5.46 20.88 -15.77
N ASN D 38 5.99 20.19 -14.77
CA ASN D 38 6.05 20.76 -13.43
C ASN D 38 7.20 21.76 -13.29
N VAL D 39 8.27 21.53 -14.03
CA VAL D 39 9.32 22.55 -14.13
C VAL D 39 8.74 23.86 -14.65
N LYS D 40 7.83 23.78 -15.62
CA LYS D 40 7.25 25.00 -16.20
C LYS D 40 6.19 25.62 -15.29
N GLU D 41 5.53 24.79 -14.50
CA GLU D 41 4.48 25.28 -13.61
C GLU D 41 5.05 25.85 -12.33
N PHE D 42 6.11 25.25 -11.80
CA PHE D 42 6.68 25.68 -10.52
C PHE D 42 8.14 26.10 -10.63
N PRO D 43 8.48 27.05 -11.52
CA PRO D 43 9.90 27.35 -11.71
C PRO D 43 10.58 27.84 -10.43
N ASP D 44 9.83 28.51 -9.58
CA ASP D 44 10.35 29.05 -8.32
C ASP D 44 10.87 27.95 -7.40
N LEU D 45 10.14 26.83 -7.37
CA LEU D 45 10.54 25.68 -6.56
C LEU D 45 11.78 25.01 -7.11
N VAL D 46 11.90 24.94 -8.44
CA VAL D 46 13.12 24.43 -9.08
C VAL D 46 14.31 25.26 -8.63
N LYS D 47 14.14 26.58 -8.66
CA LYS D 47 15.22 27.49 -8.30
C LYS D 47 15.56 27.28 -6.82
N ARG D 48 14.54 27.15 -5.98
CA ARG D 48 14.75 26.88 -4.54
C ARG D 48 15.53 25.56 -4.32
N GLU D 49 15.14 24.49 -5.02
CA GLU D 49 15.81 23.20 -4.84
C GLU D 49 17.31 23.36 -5.10
N ASN D 50 17.67 23.95 -6.23
CA ASN D 50 19.09 24.16 -6.51
C ASN D 50 19.75 25.16 -5.58
N ALA D 51 19.04 26.23 -5.23
CA ALA D 51 19.64 27.26 -4.37
C ALA D 51 19.94 26.72 -2.97
N GLU D 52 19.25 25.68 -2.55
CA GLU D 52 19.40 25.23 -1.17
C GLU D 52 20.25 23.95 -1.07
N GLY D 53 21.01 23.69 -2.12
CA GLY D 53 22.07 22.70 -2.06
C GLY D 53 21.68 21.31 -2.54
N HIS D 54 20.48 21.18 -3.10
CA HIS D 54 20.01 19.89 -3.57
C HIS D 54 20.38 19.71 -5.04
N TYR D 55 20.48 18.45 -5.46
CA TYR D 55 20.72 18.17 -6.87
C TYR D 55 19.40 18.11 -7.61
N VAL D 56 19.37 18.77 -8.76
CA VAL D 56 18.18 18.78 -9.60
C VAL D 56 18.48 18.05 -10.90
N GLY D 57 17.77 16.95 -11.14
CA GLY D 57 17.91 16.19 -12.37
C GLY D 57 16.58 15.93 -13.08
N MET D 58 16.60 15.07 -14.11
CA MET D 58 15.48 14.97 -15.04
C MET D 58 14.67 13.68 -14.86
N HIS D 59 13.35 13.80 -14.97
CA HIS D 59 12.44 12.66 -14.89
C HIS D 59 11.49 12.63 -16.11
N SER D 60 11.93 13.24 -17.20
CA SER D 60 11.29 13.25 -18.55
C SER D 60 10.20 14.31 -18.67
N MET D 61 9.56 14.37 -19.85
CA MET D 61 8.49 15.32 -20.13
C MET D 61 7.09 14.69 -19.98
N THR D 62 6.91 13.51 -20.56
CA THR D 62 5.58 12.88 -20.62
C THR D 62 5.35 11.85 -19.52
N HIS D 63 6.44 11.29 -18.99
CA HIS D 63 6.36 10.19 -18.02
C HIS D 63 5.51 9.07 -18.62
N ASN D 64 5.62 8.88 -19.93
CA ASN D 64 4.79 7.91 -20.63
C ASN D 64 5.64 6.75 -21.15
N PHE D 65 5.35 5.55 -20.66
CA PHE D 65 6.16 4.38 -20.97
C PHE D 65 6.29 4.14 -22.47
N ALA D 66 5.16 4.18 -23.16
CA ALA D 66 5.18 3.91 -24.61
C ALA D 66 6.04 4.89 -25.38
N LYS D 67 5.93 6.18 -25.06
CA LYS D 67 6.71 7.18 -25.78
C LYS D 67 8.20 7.07 -25.42
N LEU D 68 8.50 6.89 -24.14
CA LEU D 68 9.89 6.90 -23.68
C LEU D 68 10.68 5.69 -24.20
N TYR D 69 10.05 4.52 -24.13
CA TYR D 69 10.76 3.27 -24.29
C TYR D 69 10.42 2.57 -25.60
N LYS D 70 9.14 2.25 -25.78
CA LYS D 70 8.68 1.61 -27.02
C LYS D 70 9.02 2.46 -28.25
N ASN D 71 8.78 3.77 -28.17
CA ASN D 71 9.03 4.69 -29.27
C ASN D 71 10.42 5.33 -29.20
N GLY D 72 11.14 5.04 -28.12
CA GLY D 72 12.51 5.48 -27.93
C GLY D 72 12.73 6.97 -27.79
N GLU D 73 11.76 7.70 -27.25
CA GLU D 73 11.95 9.13 -27.03
C GLU D 73 12.69 9.48 -25.73
N TYR D 74 13.22 8.47 -25.02
CA TYR D 74 13.81 8.73 -23.68
C TYR D 74 14.84 9.85 -23.70
N VAL D 75 15.82 9.76 -24.61
CA VAL D 75 16.90 10.75 -24.56
C VAL D 75 16.40 12.12 -25.01
N ASN D 76 15.55 12.16 -26.04
CA ASN D 76 14.96 13.43 -26.48
C ASN D 76 14.22 14.15 -25.36
N GLU D 77 13.39 13.40 -24.62
CA GLU D 77 12.63 13.98 -23.52
C GLU D 77 13.54 14.44 -22.38
N MET D 78 14.57 13.68 -22.09
CA MET D 78 15.48 14.06 -21.01
C MET D 78 16.25 15.31 -21.39
N LYS D 79 16.60 15.41 -22.69
CA LYS D 79 17.30 16.58 -23.20
C LYS D 79 16.41 17.81 -23.13
N GLU D 80 15.12 17.63 -23.40
CA GLU D 80 14.21 18.77 -23.38
C GLU D 80 14.04 19.27 -21.95
N ASP D 81 13.86 18.31 -21.06
CA ASP D 81 13.71 18.59 -19.63
C ASP D 81 14.98 19.30 -19.13
N GLN D 82 16.14 18.77 -19.51
CA GLN D 82 17.43 19.35 -19.17
C GLN D 82 17.51 20.84 -19.50
N GLY D 83 17.11 21.22 -20.71
CA GLY D 83 17.16 22.61 -21.13
C GLY D 83 16.22 23.50 -20.34
N LEU D 84 15.06 22.98 -19.97
CA LEU D 84 14.10 23.78 -19.22
C LEU D 84 14.68 24.08 -17.84
N ILE D 85 15.30 23.06 -17.25
CA ILE D 85 15.94 23.17 -15.95
C ILE D 85 17.15 24.11 -16.01
N ALA D 86 17.96 23.96 -17.07
CA ALA D 86 19.12 24.82 -17.27
C ALA D 86 18.75 26.31 -17.35
N ASN D 87 17.62 26.60 -17.96
CA ASN D 87 17.22 28.01 -18.08
C ASN D 87 16.92 28.63 -16.71
N ILE D 88 16.50 27.80 -15.77
CA ILE D 88 16.19 28.25 -14.41
C ILE D 88 17.42 28.33 -13.51
N ILE D 89 18.24 27.29 -13.51
CA ILE D 89 19.32 27.16 -12.53
C ILE D 89 20.72 27.44 -13.10
N GLY D 90 20.82 27.61 -14.41
CA GLY D 90 22.07 28.06 -15.00
C GLY D 90 23.13 26.99 -15.20
N LYS D 91 22.70 25.74 -15.20
CA LYS D 91 23.59 24.62 -15.52
C LYS D 91 22.77 23.46 -16.06
N SER D 92 23.42 22.57 -16.81
CA SER D 92 22.71 21.46 -17.44
C SER D 92 23.03 20.16 -16.73
N PRO D 93 22.09 19.68 -15.92
CA PRO D 93 22.33 18.43 -15.17
C PRO D 93 22.49 17.26 -16.12
N LYS D 94 23.24 16.26 -15.70
CA LYS D 94 23.45 15.09 -16.56
C LYS D 94 22.67 13.87 -16.07
N LEU D 95 22.25 13.88 -14.81
CA LEU D 95 21.66 12.66 -14.26
C LEU D 95 20.17 12.57 -14.54
N THR D 96 19.74 11.40 -14.99
CA THR D 96 18.34 11.14 -15.24
C THR D 96 17.87 9.99 -14.36
N ARG D 97 16.57 10.01 -14.06
CA ARG D 97 15.90 8.93 -13.36
C ARG D 97 14.75 8.47 -14.25
N PRO D 98 14.79 7.21 -14.71
CA PRO D 98 13.79 6.71 -15.66
C PRO D 98 12.43 6.62 -15.01
N PRO D 99 11.39 7.17 -15.65
CA PRO D 99 10.04 6.84 -15.21
C PRO D 99 9.86 5.31 -15.21
N TYR D 100 9.29 4.79 -14.11
CA TYR D 100 9.04 3.36 -13.86
C TYR D 100 10.33 2.57 -13.71
N GLY D 101 11.47 3.25 -13.59
CA GLY D 101 12.76 2.58 -13.49
C GLY D 101 13.26 2.11 -14.85
N SER D 102 14.54 1.77 -14.93
CA SER D 102 15.17 1.44 -16.21
C SER D 102 14.81 0.05 -16.74
N MET D 103 14.24 -0.79 -15.87
CA MET D 103 14.03 -2.21 -16.16
C MET D 103 12.54 -2.54 -16.36
N PRO D 104 12.14 -2.95 -17.58
CA PRO D 104 12.89 -3.28 -18.79
C PRO D 104 12.92 -2.18 -19.86
N GLY D 105 12.31 -1.05 -19.59
CA GLY D 105 12.17 0.00 -20.59
C GLY D 105 13.44 0.41 -21.34
N LEU D 106 14.51 0.62 -20.59
CA LEU D 106 15.72 1.18 -21.16
C LEU D 106 16.56 0.10 -21.82
N ASN D 107 16.16 -0.33 -23.02
CA ASN D 107 16.86 -1.40 -23.71
C ASN D 107 18.26 -0.97 -24.10
N GLU D 108 19.04 -1.90 -24.61
CA GLU D 108 20.45 -1.65 -24.91
C GLU D 108 20.63 -0.50 -25.89
N GLY D 109 19.78 -0.44 -26.91
CA GLY D 109 19.82 0.65 -27.87
C GLY D 109 19.65 2.00 -27.21
N LEU D 110 18.72 2.10 -26.28
CA LEU D 110 18.48 3.35 -25.56
C LEU D 110 19.60 3.64 -24.57
N ARG D 111 20.14 2.61 -23.94
CA ARG D 111 21.27 2.80 -23.03
C ARG D 111 22.48 3.33 -23.80
N ASN D 112 22.67 2.85 -25.03
CA ASN D 112 23.75 3.35 -25.86
C ASN D 112 23.58 4.83 -26.16
N LYS D 113 22.35 5.26 -26.44
CA LYS D 113 22.08 6.66 -26.77
C LYS D 113 22.22 7.55 -25.54
N VAL D 114 21.79 7.05 -24.40
CA VAL D 114 22.01 7.72 -23.12
C VAL D 114 23.51 8.04 -22.94
N VAL D 115 24.35 7.03 -23.11
CA VAL D 115 25.79 7.19 -22.96
C VAL D 115 26.37 8.14 -24.02
N GLU D 116 25.91 8.00 -25.27
CA GLU D 116 26.38 8.86 -26.35
C GLU D 116 26.04 10.32 -26.08
N GLY D 117 24.90 10.56 -25.43
CA GLY D 117 24.46 11.91 -25.14
C GLY D 117 25.04 12.52 -23.88
N GLY D 118 25.87 11.76 -23.18
CA GLY D 118 26.52 12.26 -21.98
C GLY D 118 25.61 12.29 -20.77
N PHE D 119 24.53 11.50 -20.80
CA PHE D 119 23.65 11.41 -19.65
C PHE D 119 24.06 10.25 -18.75
N LYS D 120 23.62 10.31 -17.51
CA LYS D 120 23.75 9.21 -16.57
C LYS D 120 22.33 8.78 -16.19
N VAL D 121 22.22 7.59 -15.61
CA VAL D 121 20.93 7.07 -15.19
C VAL D 121 21.04 6.54 -13.77
N TRP D 122 20.14 6.96 -12.89
CA TRP D 122 20.03 6.35 -11.57
C TRP D 122 18.68 5.67 -11.35
N ASP D 123 18.71 4.38 -11.02
CA ASP D 123 17.54 3.74 -10.44
C ASP D 123 17.62 3.96 -8.92
N TRP D 124 17.37 2.93 -8.13
CA TRP D 124 17.38 3.06 -6.67
C TRP D 124 17.75 1.75 -5.96
N THR D 125 18.00 1.82 -4.65
CA THR D 125 18.30 0.62 -3.89
C THR D 125 17.21 0.32 -2.89
N ILE D 126 16.43 1.35 -2.55
CA ILE D 126 15.27 1.15 -1.69
C ILE D 126 14.07 1.81 -2.31
N ASP D 127 12.97 1.07 -2.44
CA ASP D 127 11.69 1.65 -2.86
C ASP D 127 10.82 1.90 -1.62
N SER D 128 10.55 3.17 -1.31
CA SER D 128 9.73 3.51 -0.14
C SER D 128 8.29 3.00 -0.34
N LEU D 129 7.90 2.78 -1.59
CA LEU D 129 6.51 2.45 -1.96
C LEU D 129 5.52 3.54 -1.59
N ASP D 130 6.02 4.76 -1.39
CA ASP D 130 5.19 5.80 -0.80
C ASP D 130 3.89 6.11 -1.52
N TRP D 131 3.92 6.14 -2.85
CA TRP D 131 2.73 6.44 -3.63
C TRP D 131 1.58 5.45 -3.43
N ARG D 132 1.89 4.25 -2.94
CA ARG D 132 0.87 3.24 -2.75
C ARG D 132 0.02 3.46 -1.49
N TYR D 133 0.46 4.35 -0.58
CA TYR D 133 -0.21 4.53 0.71
C TYR D 133 -1.23 5.69 0.70
N ASN D 134 -2.05 5.74 -0.34
CA ASN D 134 -2.91 6.91 -0.53
C ASN D 134 -4.38 6.69 -0.14
N LYS D 135 -4.67 5.64 0.63
CA LYS D 135 -6.06 5.33 1.01
C LYS D 135 -6.21 5.24 2.52
N MET D 136 -5.30 5.86 3.24
CA MET D 136 -5.33 5.82 4.70
C MET D 136 -4.95 7.18 5.25
N PRO D 137 -5.17 7.40 6.57
CA PRO D 137 -4.81 8.69 7.16
C PRO D 137 -3.36 9.01 6.88
N VAL D 138 -3.07 10.28 6.67
CA VAL D 138 -1.74 10.67 6.21
C VAL D 138 -0.66 10.30 7.21
N ASP D 139 -0.92 10.50 8.51
CA ASP D 139 0.11 10.20 9.52
C ASP D 139 0.37 8.69 9.63
N ALA D 140 -0.69 7.88 9.53
CA ALA D 140 -0.54 6.42 9.53
C ALA D 140 0.26 5.95 8.31
N ALA D 141 -0.08 6.49 7.14
CA ALA D 141 0.67 6.21 5.92
C ALA D 141 2.15 6.55 6.10
N ALA D 142 2.41 7.79 6.54
CA ALA D 142 3.78 8.27 6.67
C ALA D 142 4.61 7.35 7.57
N ALA D 143 4.00 6.91 8.67
CA ALA D 143 4.68 6.00 9.60
C ALA D 143 5.05 4.68 8.94
N GLN D 144 4.14 4.11 8.15
CA GLN D 144 4.46 2.85 7.49
C GLN D 144 5.53 3.07 6.42
N ILE D 145 5.46 4.19 5.72
CA ILE D 145 6.47 4.52 4.71
C ILE D 145 7.85 4.68 5.36
N ALA D 146 7.90 5.38 6.50
CA ALA D 146 9.17 5.55 7.22
C ALA D 146 9.71 4.17 7.61
N GLN D 147 8.82 3.27 8.02
CA GLN D 147 9.22 1.92 8.40
C GLN D 147 9.88 1.18 7.24
N ASN D 148 9.28 1.29 6.06
CA ASN D 148 9.86 0.65 4.87
C ASN D 148 11.30 1.11 4.62
N VAL D 149 11.53 2.42 4.70
CA VAL D 149 12.87 2.95 4.47
C VAL D 149 13.84 2.54 5.56
N LEU D 150 13.42 2.72 6.80
CA LEU D 150 14.31 2.48 7.93
C LEU D 150 14.73 1.01 7.99
N THR D 151 13.78 0.11 7.77
CA THR D 151 14.07 -1.32 7.90
C THR D 151 14.99 -1.80 6.78
N ASN D 152 14.93 -1.15 5.62
CA ASN D 152 15.72 -1.62 4.48
C ASN D 152 17.04 -0.90 4.24
N ALA D 153 17.34 0.11 5.06
CA ALA D 153 18.60 0.83 4.98
C ALA D 153 19.70 0.09 5.72
N THR D 154 20.47 -0.71 4.99
CA THR D 154 21.49 -1.57 5.58
C THR D 154 22.86 -1.45 4.91
N LYS D 155 22.94 -0.75 3.78
CA LYS D 155 24.19 -0.60 3.03
C LYS D 155 24.85 0.77 3.25
N PRO D 156 26.18 0.85 3.06
CA PRO D 156 26.89 2.14 3.20
C PRO D 156 26.39 3.21 2.22
N GLN D 157 25.88 2.78 1.07
CA GLN D 157 25.20 3.71 0.16
C GLN D 157 23.78 3.23 -0.08
N GLU D 158 22.80 4.08 0.19
CA GLU D 158 21.41 3.77 -0.15
C GLU D 158 20.83 4.89 -0.97
N VAL D 159 20.18 4.52 -2.07
CA VAL D 159 19.44 5.47 -2.88
C VAL D 159 17.95 5.18 -2.74
N ILE D 160 17.23 6.14 -2.16
CA ILE D 160 15.86 5.93 -1.70
C ILE D 160 14.87 6.62 -2.63
N LEU D 161 13.98 5.82 -3.20
CA LEU D 161 12.95 6.33 -4.10
C LEU D 161 11.74 6.83 -3.31
N MET D 162 11.49 8.13 -3.39
CA MET D 162 10.26 8.74 -2.88
C MET D 162 9.65 9.66 -3.95
N HIS D 163 8.45 10.15 -3.70
CA HIS D 163 7.75 11.05 -4.62
C HIS D 163 7.27 12.24 -3.81
N ASP D 164 7.78 13.45 -4.06
CA ASP D 164 7.39 14.57 -3.22
C ASP D 164 6.01 15.14 -3.61
N ILE D 165 5.35 14.54 -4.59
CA ILE D 165 4.02 15.00 -4.98
C ILE D 165 2.88 14.33 -4.22
N HIS D 166 3.21 13.58 -3.17
CA HIS D 166 2.17 12.97 -2.32
C HIS D 166 2.34 13.44 -0.90
N PRO D 167 1.23 13.75 -0.22
CA PRO D 167 1.31 14.33 1.11
C PRO D 167 1.89 13.37 2.15
N GLN D 168 1.55 12.08 2.03
CA GLN D 168 2.07 11.09 2.99
C GLN D 168 3.57 10.92 2.84
N SER D 169 4.11 11.16 1.65
CA SER D 169 5.53 11.01 1.40
C SER D 169 6.31 12.11 2.12
N VAL D 170 5.84 13.34 2.01
CA VAL D 170 6.54 14.44 2.62
C VAL D 170 6.40 14.31 4.13
N ALA D 171 5.24 13.83 4.57
CA ALA D 171 4.99 13.63 6.01
C ALA D 171 5.89 12.54 6.64
N ALA D 172 6.40 11.62 5.81
CA ALA D 172 7.25 10.52 6.27
C ALA D 172 8.70 10.95 6.48
N VAL D 173 9.08 12.06 5.86
CA VAL D 173 10.51 12.43 5.83
C VAL D 173 11.11 12.77 7.21
N PRO D 174 10.38 13.49 8.08
CA PRO D 174 11.01 13.71 9.39
C PRO D 174 11.44 12.41 10.10
N ALA D 175 10.60 11.39 10.11
CA ALA D 175 10.94 10.14 10.79
C ALA D 175 12.09 9.43 10.09
N ILE D 176 12.14 9.56 8.77
CA ILE D 176 13.23 8.97 7.99
C ILE D 176 14.56 9.66 8.29
N LEU D 177 14.55 10.99 8.36
CA LEU D 177 15.77 11.75 8.66
C LEU D 177 16.29 11.43 10.06
N LYS D 178 15.38 11.43 11.02
CA LYS D 178 15.73 11.05 12.39
C LYS D 178 16.30 9.64 12.47
N GLY D 179 15.57 8.68 11.92
CA GLY D 179 15.92 7.27 12.00
C GLY D 179 17.23 6.89 11.34
N LEU D 180 17.49 7.40 10.15
CA LEU D 180 18.72 7.05 9.46
C LEU D 180 19.91 7.76 10.07
N LYS D 181 19.71 8.97 10.61
CA LYS D 181 20.79 9.61 11.32
C LYS D 181 21.20 8.75 12.51
N GLU D 182 20.21 8.18 13.19
CA GLU D 182 20.49 7.29 14.33
C GLU D 182 21.28 6.06 13.88
N LYS D 183 21.04 5.64 12.65
CA LYS D 183 21.73 4.47 12.09
C LYS D 183 23.10 4.84 11.56
N GLY D 184 23.45 6.13 11.59
CA GLY D 184 24.79 6.56 11.19
C GLY D 184 24.91 7.12 9.78
N TYR D 185 23.79 7.34 9.11
CA TYR D 185 23.80 7.91 7.76
C TYR D 185 23.90 9.44 7.76
N GLU D 186 24.57 9.97 6.73
CA GLU D 186 24.49 11.39 6.41
C GLU D 186 23.66 11.54 5.15
N PHE D 187 22.89 12.62 5.08
CA PHE D 187 22.00 12.85 3.94
C PHE D 187 22.64 13.83 2.97
N GLU D 188 23.00 13.32 1.80
CA GLU D 188 23.69 14.12 0.81
C GLU D 188 22.96 14.11 -0.53
N ALA D 189 23.16 15.18 -1.28
CA ALA D 189 22.75 15.24 -2.67
C ALA D 189 23.68 14.40 -3.54
N TYR D 190 23.17 13.95 -4.67
CA TYR D 190 24.00 13.43 -5.75
C TYR D 190 25.00 14.50 -6.16
N HIS D 191 26.24 14.08 -6.41
CA HIS D 191 27.28 14.97 -6.92
CA HIS D 191 27.28 14.97 -6.92
C HIS D 191 27.81 14.42 -8.24
N GLU D 192 27.71 15.22 -9.31
CA GLU D 192 28.12 14.77 -10.63
C GLU D 192 29.58 14.35 -10.71
N GLU D 193 30.44 15.06 -9.98
CA GLU D 193 31.87 14.77 -9.99
CA GLU D 193 31.87 14.77 -9.99
C GLU D 193 32.20 13.50 -9.21
N SER D 194 31.21 12.95 -8.51
CA SER D 194 31.41 11.75 -7.71
C SER D 194 30.43 10.66 -8.07
N HIS D 195 30.13 10.53 -9.36
CA HIS D 195 29.17 9.54 -9.82
C HIS D 195 29.61 8.13 -9.42
N PHE D 196 28.67 7.32 -8.95
CA PHE D 196 28.84 5.87 -8.91
C PHE D 196 27.56 5.29 -9.49
N PRO D 197 27.67 4.17 -10.23
CA PRO D 197 26.52 3.66 -10.95
C PRO D 197 25.52 2.96 -10.04
N VAL D 198 24.24 3.22 -10.32
CA VAL D 198 23.14 2.57 -9.63
C VAL D 198 22.05 2.34 -10.65
N ASN D 199 22.01 1.15 -11.22
CA ASN D 199 20.96 0.84 -12.19
C ASN D 199 20.72 -0.65 -12.30
N PHE D 200 19.48 -1.00 -12.63
CA PHE D 200 19.05 -2.39 -12.65
C PHE D 200 19.72 -3.26 -13.72
N TRP D 201 20.26 -2.61 -14.75
CA TRP D 201 20.89 -3.32 -15.86
C TRP D 201 22.33 -3.70 -15.56
N HIS D 202 22.84 -3.26 -14.41
CA HIS D 202 24.25 -3.45 -14.05
C HIS D 202 25.17 -2.90 -15.15
N ASP D 203 24.80 -1.74 -15.68
CA ASP D 203 25.55 -1.12 -16.77
C ASP D 203 26.40 0.01 -16.19
N ASN D 204 27.70 -0.19 -16.07
CA ASN D 204 28.47 0.83 -15.33
C ASN D 204 28.92 2.01 -16.21
N ARG D 205 28.38 2.09 -17.43
CA ARG D 205 28.62 3.24 -18.30
C ARG D 205 27.65 4.38 -17.99
N MET D 206 26.54 4.05 -17.34
CA MET D 206 25.49 5.02 -17.02
C MET D 206 25.52 5.45 -15.56
ZN ZN E . 22.19 -12.71 -13.61
C ACT F . 21.67 -11.84 -11.17
O ACT F . 22.73 -12.44 -11.50
OXT ACT F . 20.92 -11.46 -12.11
CH3 ACT F . 21.31 -11.57 -9.74
C1 EDO G . 13.74 -30.69 -16.26
O1 EDO G . 13.46 -30.34 -17.61
C2 EDO G . 14.13 -32.15 -16.17
O2 EDO G . 15.36 -32.33 -15.50
C1 EDO H . 4.00 -16.71 3.54
O1 EDO H . 4.09 -16.78 2.12
C2 EDO H . 5.31 -16.23 4.13
O2 EDO H . 6.11 -17.30 4.61
ZN ZN I . -13.91 -8.73 -3.81
C ACT J . -14.39 -6.78 -2.18
O ACT J . -13.86 -7.83 -1.78
OXT ACT J . -14.55 -6.68 -3.43
CH3 ACT J . -14.81 -5.69 -1.23
C1 EDO K . -13.10 2.05 6.61
O1 EDO K . -13.72 3.33 6.61
C2 EDO K . -11.59 2.19 6.52
O2 EDO K . -10.95 1.47 7.55
C1 EDO L . 2.17 -1.47 -1.08
O1 EDO L . 2.75 -1.05 0.12
C2 EDO L . 2.82 -2.73 -1.68
O2 EDO L . 3.44 -3.59 -0.73
C1 EDO M . -22.11 2.19 7.39
O1 EDO M . -22.61 0.89 7.70
C2 EDO M . -20.61 2.25 7.64
O2 EDO M . -20.08 0.94 7.73
ZN ZN N . -25.65 12.78 4.75
C ACT O . -23.75 11.74 6.20
O ACT O . -23.73 11.58 4.95
OXT ACT O . -24.73 12.40 6.67
CH3 ACT O . -22.66 11.18 7.05
ZN ZN P . 7.98 8.90 -11.79
C ACT Q . 9.36 6.85 -10.98
O ACT Q . 9.27 7.83 -10.20
OXT ACT Q . 8.64 6.87 -12.00
CH3 ACT Q . 10.31 5.72 -10.71
C1 EDO R . 15.25 21.20 -28.01
O1 EDO R . 15.60 20.22 -28.97
C2 EDO R . 14.74 20.55 -26.74
O2 EDO R . 15.72 19.65 -26.29
C1 EDO S . 0.65 18.43 3.76
O1 EDO S . 0.99 19.50 4.63
C2 EDO S . 1.87 17.59 3.44
O2 EDO S . 2.01 16.54 4.38
C1 EDO T . -3.28 2.59 0.54
O1 EDO T . -3.32 3.37 1.71
C2 EDO T . -2.50 1.28 0.70
O2 EDO T . -1.99 1.04 2.00
#